data_8I04
#
_entry.id   8I04
#
_cell.length_a   122.157
_cell.length_b   122.157
_cell.length_c   128.184
_cell.angle_alpha   90.00
_cell.angle_beta   90.00
_cell.angle_gamma   120.00
#
_symmetry.space_group_name_H-M   'P 32 2 1'
#
loop_
_entity.id
_entity.type
_entity.pdbx_description
1 polymer 'Serine acetyltransferase'
2 non-polymer SERINE
3 non-polymer 'PHOSPHATE ION'
4 water water
#
_entity_poly.entity_id   1
_entity_poly.type   'polypeptide(L)'
_entity_poly.pdbx_seq_one_letter_code
;MHHHHHHDPPCEELEIVWKNIKAEARALADCEPMLASFYHATLLKHENLGSALSYMLANKLASPIMPAIAIREVVEEAYA
ADPEMIASAACDIQAVRTRDPAVDKYSTPLLYLKGFHALQAYRIGHWLWNKGRRALAIFLQNQVSVSFQVDIHPAAKIGR
GIMLDHATGIVVGETAVIEDDVSILQSVTLGGTGKTSGDRHPKIREGVMIGAGAKILGNIEVGRGAKIGAGSVVLQPVPP
HTTAAGVPARIVGKPGSDKPSMDMDQHFNGIHHTFEYGDG
;
_entity_poly.pdbx_strand_id   A,B,C
#
loop_
_chem_comp.id
_chem_comp.type
_chem_comp.name
_chem_comp.formula
PO4 non-polymer 'PHOSPHATE ION' 'O4 P -3'
#
# COMPACT_ATOMS: atom_id res chain seq x y z
N GLU A 13 4.87 31.35 -12.55
CA GLU A 13 5.23 31.95 -11.28
C GLU A 13 4.19 31.64 -10.25
N LEU A 14 4.68 31.50 -9.03
CA LEU A 14 3.91 31.19 -7.87
C LEU A 14 2.56 31.85 -7.91
N GLU A 15 2.57 33.12 -8.27
CA GLU A 15 1.36 33.91 -8.33
C GLU A 15 0.31 33.40 -9.27
N ILE A 16 0.73 32.79 -10.36
CA ILE A 16 -0.23 32.30 -11.32
C ILE A 16 -0.92 31.06 -10.80
N VAL A 17 -0.13 30.07 -10.43
CA VAL A 17 -0.67 28.85 -9.89
C VAL A 17 -1.65 29.17 -8.79
N TRP A 18 -1.30 30.10 -7.92
CA TRP A 18 -2.18 30.44 -6.82
C TRP A 18 -3.47 31.10 -7.27
N LYS A 19 -3.37 31.94 -8.27
CA LYS A 19 -4.54 32.61 -8.77
C LYS A 19 -5.41 31.57 -9.44
N ASN A 20 -4.81 30.72 -10.24
CA ASN A 20 -5.55 29.68 -10.91
C ASN A 20 -6.29 28.84 -9.91
N ILE A 21 -5.63 28.53 -8.81
CA ILE A 21 -6.25 27.70 -7.80
C ILE A 21 -7.43 28.38 -7.18
N LYS A 22 -7.30 29.67 -6.90
CA LYS A 22 -8.40 30.37 -6.29
C LYS A 22 -9.59 30.44 -7.22
N ALA A 23 -9.33 30.62 -8.50
CA ALA A 23 -10.40 30.66 -9.45
C ALA A 23 -11.13 29.33 -9.44
N GLU A 24 -10.39 28.24 -9.46
CA GLU A 24 -11.01 26.93 -9.45
C GLU A 24 -11.84 26.70 -8.24
N ALA A 25 -11.36 27.14 -7.09
CA ALA A 25 -12.08 26.91 -5.86
C ALA A 25 -13.41 27.61 -5.78
N ARG A 26 -13.53 28.77 -6.40
CA ARG A 26 -14.80 29.48 -6.39
C ARG A 26 -15.83 28.63 -7.13
N ALA A 27 -15.51 28.25 -8.34
CA ALA A 27 -16.35 27.37 -9.13
C ALA A 27 -16.71 26.05 -8.39
N LEU A 28 -15.74 25.41 -7.76
CA LEU A 28 -16.02 24.16 -7.00
C LEU A 28 -17.01 24.31 -5.82
N ALA A 29 -16.85 25.36 -5.03
CA ALA A 29 -17.76 25.63 -3.88
C ALA A 29 -19.22 25.84 -4.29
N ASP A 30 -19.42 26.56 -5.41
CA ASP A 30 -20.76 26.79 -5.98
C ASP A 30 -21.46 25.54 -6.52
N CYS A 31 -20.69 24.53 -6.93
CA CYS A 31 -21.25 23.35 -7.60
C CYS A 31 -21.48 22.13 -6.68
N GLU A 32 -20.76 22.00 -5.56
CA GLU A 32 -20.93 20.85 -4.65
C GLU A 32 -21.19 21.27 -3.20
N PRO A 33 -22.46 21.21 -2.74
CA PRO A 33 -22.78 21.78 -1.42
C PRO A 33 -22.15 21.07 -0.22
N MET A 34 -21.99 19.75 -0.32
CA MET A 34 -21.34 18.95 0.74
C MET A 34 -19.89 19.35 1.04
N LEU A 35 -19.21 19.96 0.08
CA LEU A 35 -17.80 20.34 0.18
C LEU A 35 -17.52 21.85 0.11
N ALA A 36 -18.56 22.67 0.03
CA ALA A 36 -18.42 24.13 0.00
C ALA A 36 -17.49 24.65 1.11
N SER A 37 -17.75 24.21 2.33
CA SER A 37 -16.93 24.64 3.49
C SER A 37 -15.49 24.12 3.45
N PHE A 38 -15.35 22.85 3.12
CA PHE A 38 -14.05 22.25 2.84
C PHE A 38 -13.25 23.09 1.87
N TYR A 39 -13.84 23.42 0.72
CA TYR A 39 -13.11 24.23 -0.27
C TYR A 39 -12.78 25.62 0.27
N HIS A 40 -13.68 26.15 1.09
CA HIS A 40 -13.48 27.49 1.65
C HIS A 40 -12.31 27.53 2.64
N ALA A 41 -12.31 26.60 3.57
CA ALA A 41 -11.24 26.46 4.57
C ALA A 41 -9.85 26.10 3.98
N THR A 42 -9.81 25.14 3.06
CA THR A 42 -8.54 24.66 2.49
C THR A 42 -7.94 25.61 1.47
N LEU A 43 -8.78 26.35 0.71
CA LEU A 43 -8.28 27.23 -0.37
C LEU A 43 -8.71 28.71 -0.34
N LEU A 44 -10.02 28.99 -0.29
CA LEU A 44 -10.53 30.37 -0.49
C LEU A 44 -10.13 31.33 0.63
N LYS A 45 -10.10 30.82 1.85
CA LYS A 45 -9.60 31.57 3.01
C LYS A 45 -8.14 32.08 2.87
N HIS A 46 -7.28 31.36 2.14
CA HIS A 46 -5.85 31.69 2.13
C HIS A 46 -5.50 32.68 1.03
N GLU A 47 -4.39 33.37 1.21
CA GLU A 47 -3.96 34.47 0.34
C GLU A 47 -2.66 34.14 -0.43
N ASN A 48 -2.06 32.98 -0.11
CA ASN A 48 -0.89 32.48 -0.83
C ASN A 48 -0.77 30.94 -0.73
N LEU A 49 0.05 30.37 -1.60
CA LEU A 49 0.18 28.93 -1.68
C LEU A 49 0.78 28.33 -0.39
N GLY A 50 1.71 29.06 0.22
CA GLY A 50 2.33 28.64 1.46
C GLY A 50 1.35 28.40 2.57
N SER A 51 0.39 29.29 2.69
CA SER A 51 -0.62 29.13 3.73
C SER A 51 -1.57 27.93 3.44
N ALA A 52 -1.94 27.73 2.17
CA ALA A 52 -2.78 26.57 1.80
C ALA A 52 -2.08 25.20 2.05
N LEU A 53 -0.79 25.12 1.71
CA LEU A 53 0.04 23.92 1.93
C LEU A 53 0.19 23.52 3.38
N SER A 54 0.48 24.50 4.23
CA SER A 54 0.62 24.23 5.66
C SER A 54 -0.68 23.73 6.22
N TYR A 55 -1.80 24.28 5.76
CA TYR A 55 -3.13 23.80 6.16
C TYR A 55 -3.38 22.34 5.76
N MET A 56 -3.11 21.96 4.52
N MET A 56 -3.10 22.00 4.50
CA MET A 56 -3.40 20.58 4.10
CA MET A 56 -3.33 20.64 3.99
C MET A 56 -2.45 19.55 4.72
C MET A 56 -2.47 19.59 4.71
N LEU A 57 -1.17 19.90 4.87
CA LEU A 57 -0.21 18.97 5.48
C LEU A 57 -0.54 18.77 6.96
N ALA A 58 -0.78 19.88 7.66
CA ALA A 58 -1.28 19.83 9.03
C ALA A 58 -2.41 18.83 9.18
N ASN A 59 -3.45 18.94 8.36
CA ASN A 59 -4.65 18.10 8.58
C ASN A 59 -4.45 16.64 8.27
N LYS A 60 -3.67 16.35 7.23
CA LYS A 60 -3.53 14.98 6.76
C LYS A 60 -2.48 14.20 7.54
N LEU A 61 -1.41 14.89 7.94
CA LEU A 61 -0.44 14.34 8.91
C LEU A 61 -0.99 14.09 10.34
N ALA A 62 -2.03 14.85 10.74
CA ALA A 62 -2.57 14.84 12.12
C ALA A 62 -2.79 13.45 12.72
N SER A 63 -2.37 13.31 13.96
CA SER A 63 -2.39 12.04 14.67
C SER A 63 -2.74 12.35 16.12
N PRO A 64 -3.19 11.32 16.87
CA PRO A 64 -3.35 11.51 18.31
C PRO A 64 -2.03 11.98 18.96
N ILE A 65 -0.91 11.40 18.50
CA ILE A 65 0.43 11.77 18.97
C ILE A 65 0.74 13.25 18.71
N MET A 66 0.36 13.75 17.54
CA MET A 66 0.57 15.16 17.20
C MET A 66 -0.56 15.76 16.34
N PRO A 67 -1.31 16.73 16.91
CA PRO A 67 -2.47 17.28 16.22
C PRO A 67 -2.13 18.34 15.19
N ALA A 68 -3.11 18.60 14.32
CA ALA A 68 -2.97 19.45 13.14
C ALA A 68 -2.39 20.79 13.46
N ILE A 69 -2.90 21.37 14.54
CA ILE A 69 -2.52 22.71 14.95
C ILE A 69 -1.02 22.84 15.33
N ALA A 70 -0.45 21.75 15.87
CA ALA A 70 1.01 21.67 16.21
C ALA A 70 1.89 21.46 14.95
N ILE A 71 1.48 20.51 14.12
CA ILE A 71 2.10 20.29 12.81
C ILE A 71 2.22 21.61 12.02
N ARG A 72 1.13 22.38 12.01
CA ARG A 72 1.10 23.60 11.22
C ARG A 72 2.17 24.62 11.61
N GLU A 73 2.48 24.73 12.90
CA GLU A 73 3.57 25.63 13.32
C GLU A 73 4.94 25.18 12.77
N VAL A 74 5.21 23.88 12.90
CA VAL A 74 6.42 23.25 12.35
C VAL A 74 6.54 23.60 10.88
N VAL A 75 5.47 23.28 10.13
CA VAL A 75 5.45 23.53 8.69
C VAL A 75 5.68 25.00 8.35
N GLU A 76 4.98 25.88 9.06
CA GLU A 76 5.11 27.34 8.80
C GLU A 76 6.52 27.86 9.13
N GLU A 77 7.10 27.33 10.21
CA GLU A 77 8.49 27.66 10.57
C GLU A 77 9.42 27.27 9.42
N ALA A 78 9.24 26.07 8.89
CA ALA A 78 10.03 25.58 7.75
C ALA A 78 9.90 26.50 6.54
N TYR A 79 8.66 26.84 6.18
CA TYR A 79 8.40 27.76 5.04
C TYR A 79 8.93 29.18 5.23
N ALA A 80 8.90 29.69 6.46
CA ALA A 80 9.57 30.97 6.79
C ALA A 80 11.09 30.89 6.67
N ALA A 81 11.69 29.80 7.16
CA ALA A 81 13.14 29.61 7.04
C ALA A 81 13.58 29.37 5.59
N ASP A 82 12.85 28.53 4.84
CA ASP A 82 13.20 28.21 3.46
C ASP A 82 11.96 28.29 2.55
N PRO A 83 11.65 29.50 2.04
CA PRO A 83 10.49 29.64 1.16
C PRO A 83 10.66 29.01 -0.23
N GLU A 84 11.87 28.63 -0.62
CA GLU A 84 12.06 27.79 -1.82
C GLU A 84 11.21 26.48 -1.79
N MET A 85 10.85 25.98 -0.60
CA MET A 85 9.98 24.81 -0.49
C MET A 85 8.60 25.04 -1.07
N ILE A 86 8.09 26.27 -0.97
CA ILE A 86 6.81 26.64 -1.54
C ILE A 86 6.93 26.74 -3.06
N ALA A 87 8.01 27.35 -3.55
CA ALA A 87 8.30 27.35 -4.99
C ALA A 87 8.47 25.92 -5.54
N SER A 88 9.04 25.02 -4.73
CA SER A 88 9.17 23.61 -5.11
C SER A 88 7.80 22.94 -5.24
N ALA A 89 6.93 23.15 -4.25
CA ALA A 89 5.56 22.64 -4.29
C ALA A 89 4.82 23.13 -5.51
N ALA A 90 5.02 24.40 -5.87
CA ALA A 90 4.33 24.97 -7.00
C ALA A 90 4.76 24.29 -8.30
N CYS A 91 6.05 24.00 -8.44
CA CYS A 91 6.55 23.24 -9.59
C CYS A 91 5.98 21.82 -9.61
N ASP A 92 5.78 21.23 -8.43
CA ASP A 92 5.24 19.86 -8.32
C ASP A 92 3.76 19.84 -8.73
N ILE A 93 3.02 20.89 -8.37
CA ILE A 93 1.60 21.01 -8.78
C ILE A 93 1.52 21.11 -10.30
N GLN A 94 2.36 21.95 -10.88
CA GLN A 94 2.42 22.11 -12.33
C GLN A 94 2.84 20.82 -13.04
N ALA A 95 3.81 20.09 -12.49
CA ALA A 95 4.20 18.79 -13.03
C ALA A 95 2.99 17.84 -13.12
N VAL A 96 2.20 17.73 -12.05
CA VAL A 96 1.04 16.82 -12.04
C VAL A 96 -0.03 17.28 -13.04
N ARG A 97 -0.31 18.58 -13.09
CA ARG A 97 -1.31 19.08 -14.02
C ARG A 97 -0.92 18.84 -15.49
N THR A 98 0.33 19.10 -15.84
CA THR A 98 0.74 18.93 -17.22
C THR A 98 0.98 17.46 -17.60
N ARG A 99 1.40 16.63 -16.65
CA ARG A 99 1.80 15.26 -16.99
C ARG A 99 0.75 14.18 -16.76
N ASP A 100 -0.18 14.41 -15.84
CA ASP A 100 -1.24 13.46 -15.52
C ASP A 100 -2.55 13.84 -16.19
N PRO A 101 -2.98 13.07 -17.18
CA PRO A 101 -4.20 13.43 -17.91
C PRO A 101 -5.50 13.29 -17.10
N ALA A 102 -5.49 12.55 -15.99
CA ALA A 102 -6.62 12.55 -15.05
C ALA A 102 -6.75 13.85 -14.26
N VAL A 103 -5.76 14.76 -14.34
CA VAL A 103 -5.77 16.01 -13.58
C VAL A 103 -5.80 17.22 -14.52
N ASP A 104 -6.90 17.96 -14.49
CA ASP A 104 -7.02 19.20 -15.29
C ASP A 104 -6.92 20.49 -14.44
N LYS A 105 -7.02 20.37 -13.10
CA LYS A 105 -7.06 21.52 -12.21
C LYS A 105 -5.81 21.61 -11.31
N TYR A 106 -5.29 22.82 -11.16
CA TYR A 106 -4.16 23.08 -10.27
C TYR A 106 -4.48 22.72 -8.82
N SER A 107 -5.77 22.78 -8.47
CA SER A 107 -6.20 22.50 -7.12
C SER A 107 -6.23 21.01 -6.75
N THR A 108 -6.33 20.11 -7.74
CA THR A 108 -6.52 18.67 -7.42
C THR A 108 -5.36 18.08 -6.60
N PRO A 109 -4.11 18.30 -7.02
CA PRO A 109 -2.99 17.77 -6.25
C PRO A 109 -2.99 18.25 -4.82
N LEU A 110 -3.14 19.56 -4.66
CA LEU A 110 -3.20 20.18 -3.36
C LEU A 110 -4.32 19.60 -2.49
N LEU A 111 -5.51 19.39 -3.07
CA LEU A 111 -6.61 18.82 -2.30
C LEU A 111 -6.55 17.32 -2.03
N TYR A 112 -6.16 16.53 -3.02
CA TYR A 112 -6.54 15.11 -3.04
C TYR A 112 -5.41 14.08 -3.26
N LEU A 113 -4.36 14.41 -3.98
CA LEU A 113 -3.40 13.37 -4.42
C LEU A 113 -2.35 13.11 -3.35
N LYS A 114 -2.40 11.91 -2.79
CA LYS A 114 -1.55 11.53 -1.67
C LYS A 114 -0.05 11.54 -1.99
N GLY A 115 0.31 11.23 -3.22
CA GLY A 115 1.70 11.36 -3.68
C GLY A 115 2.21 12.79 -3.62
N PHE A 116 1.38 13.77 -4.00
CA PHE A 116 1.76 15.20 -3.83
C PHE A 116 1.92 15.56 -2.32
N HIS A 117 1.01 15.08 -1.48
CA HIS A 117 1.07 15.32 -0.02
C HIS A 117 2.31 14.73 0.61
N ALA A 118 2.61 13.49 0.24
CA ALA A 118 3.75 12.77 0.78
C ALA A 118 5.04 13.50 0.47
N LEU A 119 5.14 13.93 -0.78
CA LEU A 119 6.30 14.66 -1.26
C LEU A 119 6.54 15.99 -0.54
N GLN A 120 5.49 16.75 -0.27
CA GLN A 120 5.63 18.02 0.48
C GLN A 120 5.86 17.76 1.95
N ALA A 121 5.36 16.65 2.47
CA ALA A 121 5.70 16.21 3.83
C ALA A 121 7.18 15.82 3.93
N TYR A 122 7.71 15.16 2.91
CA TYR A 122 9.14 14.87 2.82
C TYR A 122 10.00 16.15 2.95
N ARG A 123 9.63 17.20 2.24
CA ARG A 123 10.38 18.47 2.25
C ARG A 123 10.46 19.04 3.66
N ILE A 124 9.38 18.93 4.42
CA ILE A 124 9.40 19.36 5.83
C ILE A 124 10.37 18.47 6.64
N GLY A 125 10.26 17.15 6.44
CA GLY A 125 11.16 16.21 7.14
C GLY A 125 12.64 16.43 6.83
N HIS A 126 12.91 16.73 5.57
CA HIS A 126 14.24 17.02 5.08
C HIS A 126 14.83 18.30 5.72
N TRP A 127 14.01 19.35 5.79
CA TRP A 127 14.41 20.58 6.44
C TRP A 127 14.74 20.32 7.90
N LEU A 128 13.86 19.61 8.60
CA LEU A 128 14.13 19.20 9.98
C LEU A 128 15.41 18.34 10.14
N TRP A 129 15.55 17.31 9.29
CA TRP A 129 16.76 16.46 9.35
C TRP A 129 18.03 17.30 9.20
N ASN A 130 18.06 18.22 8.23
CA ASN A 130 19.24 19.06 7.98
C ASN A 130 19.53 20.05 9.12
N LYS A 131 18.50 20.46 9.84
CA LYS A 131 18.65 21.33 11.02
C LYS A 131 19.15 20.60 12.26
N GLY A 132 19.00 19.29 12.30
CA GLY A 132 19.41 18.49 13.44
C GLY A 132 18.24 17.99 14.26
N ARG A 133 17.01 18.20 13.80
CA ARG A 133 15.81 17.65 14.44
C ARG A 133 15.44 16.33 13.79
N ARG A 134 16.36 15.39 13.92
CA ARG A 134 16.25 14.07 13.27
C ARG A 134 15.14 13.20 13.85
N ALA A 135 14.98 13.24 15.18
CA ALA A 135 13.96 12.42 15.83
C ALA A 135 12.55 12.75 15.31
N LEU A 136 12.26 14.03 15.17
CA LEU A 136 10.99 14.47 14.63
C LEU A 136 10.84 14.11 13.15
N ALA A 137 11.90 14.30 12.37
CA ALA A 137 11.87 13.91 10.97
C ALA A 137 11.55 12.40 10.77
N ILE A 138 12.08 11.54 11.62
CA ILE A 138 11.84 10.08 11.52
C ILE A 138 10.42 9.75 11.91
N PHE A 139 9.90 10.45 12.93
CA PHE A 139 8.49 10.33 13.30
C PHE A 139 7.61 10.58 12.09
N LEU A 140 7.80 11.74 11.47
CA LEU A 140 7.02 12.12 10.32
C LEU A 140 7.17 11.19 9.13
N GLN A 141 8.40 10.74 8.83
CA GLN A 141 8.60 9.75 7.76
C GLN A 141 7.63 8.60 7.91
N ASN A 142 7.58 8.06 9.12
CA ASN A 142 6.81 6.87 9.42
C ASN A 142 5.33 7.13 9.55
N GLN A 143 4.96 8.34 9.98
CA GLN A 143 3.57 8.81 9.93
C GLN A 143 3.08 8.89 8.46
N VAL A 144 3.92 9.40 7.58
CA VAL A 144 3.57 9.48 6.18
C VAL A 144 3.45 8.08 5.57
N SER A 145 4.27 7.14 5.99
CA SER A 145 4.21 5.77 5.48
C SER A 145 2.88 5.11 5.81
N VAL A 146 2.41 5.27 7.04
CA VAL A 146 1.13 4.72 7.49
C VAL A 146 -0.05 5.48 6.82
N SER A 147 0.01 6.80 6.73
CA SER A 147 -1.16 7.59 6.29
C SER A 147 -1.32 7.67 4.80
N PHE A 148 -0.20 7.77 4.07
CA PHE A 148 -0.24 7.88 2.61
C PHE A 148 0.40 6.71 1.88
N GLN A 149 0.97 5.76 2.60
CA GLN A 149 1.58 4.57 1.98
C GLN A 149 2.77 4.91 1.08
N VAL A 150 3.50 5.94 1.49
CA VAL A 150 4.73 6.38 0.83
C VAL A 150 5.80 6.50 1.90
N ASP A 151 6.90 5.77 1.71
CA ASP A 151 8.00 5.77 2.65
C ASP A 151 9.24 6.43 2.04
N ILE A 152 9.49 7.68 2.43
CA ILE A 152 10.60 8.47 1.92
C ILE A 152 11.41 8.90 3.10
N HIS A 153 12.65 8.41 3.16
CA HIS A 153 13.54 8.77 4.23
C HIS A 153 13.88 10.27 4.11
N PRO A 154 13.92 10.99 5.23
CA PRO A 154 14.16 12.44 5.10
C PRO A 154 15.58 12.89 4.67
N ALA A 155 16.59 12.06 4.81
CA ALA A 155 17.95 12.32 4.27
C ALA A 155 18.07 12.24 2.75
N ALA A 156 17.05 11.72 2.08
CA ALA A 156 17.03 11.69 0.64
C ALA A 156 17.03 13.12 0.11
N LYS A 157 17.65 13.32 -1.04
CA LYS A 157 17.72 14.63 -1.69
C LYS A 157 16.86 14.66 -2.95
N ILE A 158 15.75 15.40 -2.89
CA ILE A 158 14.73 15.33 -3.91
C ILE A 158 14.49 16.74 -4.39
N GLY A 159 14.52 16.92 -5.72
CA GLY A 159 14.40 18.23 -6.33
C GLY A 159 12.94 18.56 -6.55
N ARG A 160 12.67 19.35 -7.58
CA ARG A 160 11.32 19.83 -7.82
C ARG A 160 10.83 19.53 -9.22
N GLY A 161 9.54 19.77 -9.41
CA GLY A 161 8.84 19.31 -10.62
C GLY A 161 8.78 17.78 -10.67
N ILE A 162 8.46 17.20 -9.51
CA ILE A 162 8.42 15.76 -9.33
C ILE A 162 6.97 15.35 -9.27
N MET A 163 6.60 14.32 -10.01
CA MET A 163 5.29 13.74 -9.92
C MET A 163 5.40 12.33 -9.33
N LEU A 164 4.67 12.08 -8.25
CA LEU A 164 4.47 10.72 -7.74
C LEU A 164 3.00 10.35 -7.99
N ASP A 165 2.71 9.78 -9.15
CA ASP A 165 1.32 9.47 -9.54
C ASP A 165 0.86 8.16 -8.85
N HIS A 166 -0.32 8.25 -8.20
CA HIS A 166 -1.01 7.20 -7.45
C HIS A 166 -0.32 6.84 -6.16
N ALA A 167 0.94 6.43 -6.30
CA ALA A 167 1.93 6.54 -5.27
C ALA A 167 1.94 5.44 -4.22
N THR A 168 0.92 4.60 -4.14
CA THR A 168 0.97 3.59 -3.09
C THR A 168 2.11 2.59 -3.32
N GLY A 169 2.85 2.31 -2.26
CA GLY A 169 4.01 1.44 -2.35
C GLY A 169 5.37 2.09 -2.63
N ILE A 170 5.42 3.42 -2.83
CA ILE A 170 6.68 4.08 -3.17
C ILE A 170 7.59 4.04 -1.95
N VAL A 171 8.83 3.62 -2.17
CA VAL A 171 9.88 3.60 -1.16
C VAL A 171 11.10 4.32 -1.71
N VAL A 172 11.61 5.28 -0.95
CA VAL A 172 12.81 6.02 -1.31
C VAL A 172 13.72 6.03 -0.09
N GLY A 173 14.90 5.39 -0.21
CA GLY A 173 15.84 5.25 0.91
C GLY A 173 16.72 6.45 1.23
N GLU A 174 17.42 6.33 2.34
CA GLU A 174 18.21 7.37 2.97
C GLU A 174 19.13 8.17 2.06
N THR A 175 19.88 7.46 1.22
CA THR A 175 20.92 8.09 0.39
C THR A 175 20.49 8.34 -1.05
N ALA A 176 19.21 8.21 -1.37
CA ALA A 176 18.76 8.39 -2.73
C ALA A 176 18.85 9.85 -3.14
N VAL A 177 19.00 10.08 -4.43
CA VAL A 177 18.91 11.41 -5.00
C VAL A 177 17.92 11.38 -6.15
N ILE A 178 17.04 12.37 -6.20
CA ILE A 178 16.13 12.53 -7.33
C ILE A 178 16.23 13.98 -7.76
N GLU A 179 16.76 14.19 -8.96
CA GLU A 179 16.88 15.54 -9.51
C GLU A 179 15.54 16.03 -10.01
N ASP A 180 15.51 17.25 -10.52
CA ASP A 180 14.31 17.88 -11.06
C ASP A 180 13.63 17.09 -12.20
N ASP A 181 12.33 17.34 -12.38
CA ASP A 181 11.59 16.84 -13.52
C ASP A 181 11.71 15.34 -13.72
N VAL A 182 11.39 14.62 -12.65
CA VAL A 182 11.35 13.18 -12.62
C VAL A 182 9.90 12.78 -12.37
N SER A 183 9.41 11.76 -13.07
CA SER A 183 8.07 11.21 -12.84
C SER A 183 8.16 9.76 -12.37
N ILE A 184 7.41 9.44 -11.33
CA ILE A 184 7.48 8.14 -10.65
C ILE A 184 6.06 7.66 -10.36
N LEU A 185 5.82 6.38 -10.63
CA LEU A 185 4.51 5.79 -10.44
C LEU A 185 4.46 4.95 -9.17
N GLN A 186 3.28 4.42 -8.91
CA GLN A 186 3.06 3.54 -7.78
C GLN A 186 3.99 2.33 -7.74
N SER A 187 4.19 1.83 -6.52
CA SER A 187 5.09 0.72 -6.13
C SER A 187 6.52 0.78 -6.66
N VAL A 188 7.05 1.98 -6.85
CA VAL A 188 8.44 2.15 -7.24
C VAL A 188 9.29 2.15 -5.97
N THR A 189 10.35 1.35 -5.99
CA THR A 189 11.34 1.31 -4.95
C THR A 189 12.67 1.92 -5.47
N LEU A 190 13.18 2.92 -4.75
CA LEU A 190 14.55 3.42 -4.91
C LEU A 190 15.23 2.99 -3.64
N GLY A 191 15.86 1.83 -3.74
CA GLY A 191 16.11 0.93 -2.64
C GLY A 191 17.56 0.65 -2.39
N GLY A 192 17.81 0.06 -1.23
CA GLY A 192 19.13 -0.16 -0.70
C GLY A 192 19.69 -1.54 -1.00
N THR A 193 21.00 -1.66 -0.86
CA THR A 193 21.72 -2.95 -0.78
C THR A 193 22.58 -2.91 0.44
N GLY A 194 22.76 -4.06 1.10
CA GLY A 194 23.74 -4.21 2.16
C GLY A 194 23.24 -3.74 3.52
N LYS A 195 24.05 -4.03 4.54
CA LYS A 195 23.72 -3.68 5.92
C LYS A 195 24.61 -2.56 6.42
N THR A 196 25.24 -1.81 5.51
CA THR A 196 26.21 -0.81 5.89
C THR A 196 25.69 0.57 5.56
N SER A 197 26.14 1.54 6.35
CA SER A 197 25.92 2.96 6.12
C SER A 197 26.58 3.44 4.83
N GLY A 198 26.28 4.69 4.47
CA GLY A 198 26.87 5.35 3.32
C GLY A 198 26.04 5.11 2.05
N ASP A 199 26.38 5.80 0.95
CA ASP A 199 25.69 5.67 -0.34
C ASP A 199 25.42 4.23 -0.78
N ARG A 200 24.14 3.94 -1.00
CA ARG A 200 23.67 2.59 -1.37
C ARG A 200 22.28 2.58 -2.06
N HIS A 201 21.82 3.74 -2.54
CA HIS A 201 20.51 3.92 -3.13
C HIS A 201 20.71 4.64 -4.43
N PRO A 202 19.76 4.54 -5.35
CA PRO A 202 19.96 5.18 -6.64
C PRO A 202 20.03 6.69 -6.67
N LYS A 203 20.68 7.19 -7.69
CA LYS A 203 20.72 8.59 -8.01
C LYS A 203 20.06 8.76 -9.37
N ILE A 204 18.89 9.41 -9.34
CA ILE A 204 18.02 9.51 -10.48
C ILE A 204 18.18 10.92 -11.03
N ARG A 205 18.63 11.02 -12.26
CA ARG A 205 18.93 12.30 -12.85
C ARG A 205 17.72 12.86 -13.56
N GLU A 206 17.88 14.08 -14.03
CA GLU A 206 16.79 14.89 -14.58
C GLU A 206 16.09 14.26 -15.80
N GLY A 207 14.79 14.45 -15.92
CA GLY A 207 14.06 13.93 -17.08
C GLY A 207 13.64 12.46 -17.04
N VAL A 208 14.06 11.71 -16.02
CA VAL A 208 13.78 10.29 -15.93
C VAL A 208 12.31 10.01 -15.60
N MET A 209 11.75 9.02 -16.30
CA MET A 209 10.46 8.44 -15.98
C MET A 209 10.67 7.01 -15.50
N ILE A 210 9.97 6.64 -14.42
CA ILE A 210 10.05 5.30 -13.81
C ILE A 210 8.65 4.73 -13.73
N GLY A 211 8.43 3.64 -14.47
CA GLY A 211 7.11 3.02 -14.62
C GLY A 211 6.71 2.24 -13.37
N ALA A 212 5.44 1.87 -13.29
CA ALA A 212 4.90 1.25 -12.08
C ALA A 212 5.61 -0.04 -11.71
N GLY A 213 5.91 -0.20 -10.43
CA GLY A 213 6.50 -1.43 -9.92
C GLY A 213 7.99 -1.57 -10.17
N ALA A 214 8.62 -0.59 -10.77
CA ALA A 214 10.08 -0.71 -10.98
C ALA A 214 10.81 -0.70 -9.64
N LYS A 215 11.83 -1.53 -9.58
CA LYS A 215 12.73 -1.65 -8.45
C LYS A 215 14.14 -1.26 -8.90
N ILE A 216 14.73 -0.26 -8.27
CA ILE A 216 16.07 0.23 -8.63
C ILE A 216 16.88 0.19 -7.34
N LEU A 217 17.95 -0.58 -7.33
CA LEU A 217 18.59 -0.99 -6.10
C LEU A 217 20.06 -0.68 -6.15
N GLY A 218 20.58 -0.12 -5.05
CA GLY A 218 22.00 0.13 -4.91
C GLY A 218 22.38 1.53 -5.34
N ASN A 219 23.64 1.87 -5.09
CA ASN A 219 24.19 3.15 -5.46
C ASN A 219 24.53 3.15 -6.94
N ILE A 220 23.53 3.31 -7.79
CA ILE A 220 23.71 3.29 -9.23
C ILE A 220 23.04 4.52 -9.84
N GLU A 221 23.66 5.00 -10.91
CA GLU A 221 23.20 6.15 -11.66
C GLU A 221 22.11 5.73 -12.65
N VAL A 222 21.02 6.49 -12.71
CA VAL A 222 20.11 6.45 -13.83
C VAL A 222 20.22 7.82 -14.51
N GLY A 223 20.80 7.83 -15.71
CA GLY A 223 21.21 9.06 -16.38
C GLY A 223 20.08 9.92 -16.90
N ARG A 224 20.43 11.17 -17.24
CA ARG A 224 19.49 12.16 -17.75
C ARG A 224 18.66 11.59 -18.89
N GLY A 225 17.37 11.88 -18.87
CA GLY A 225 16.50 11.46 -19.96
C GLY A 225 16.23 9.98 -20.13
N ALA A 226 16.76 9.13 -19.27
CA ALA A 226 16.47 7.69 -19.33
C ALA A 226 15.03 7.35 -18.93
N LYS A 227 14.62 6.14 -19.31
CA LYS A 227 13.30 5.62 -19.01
C LYS A 227 13.49 4.25 -18.42
N ILE A 228 12.77 3.98 -17.33
CA ILE A 228 12.78 2.67 -16.68
C ILE A 228 11.39 2.09 -16.83
N GLY A 229 11.31 0.94 -17.49
CA GLY A 229 10.04 0.32 -17.79
C GLY A 229 9.37 -0.21 -16.55
N ALA A 230 8.03 -0.26 -16.59
CA ALA A 230 7.24 -0.79 -15.48
C ALA A 230 7.69 -2.20 -15.13
N GLY A 231 7.68 -2.52 -13.83
CA GLY A 231 8.05 -3.85 -13.37
C GLY A 231 9.52 -4.22 -13.53
N SER A 232 10.40 -3.28 -13.85
CA SER A 232 11.80 -3.60 -14.07
C SER A 232 12.56 -3.71 -12.77
N VAL A 233 13.65 -4.48 -12.76
CA VAL A 233 14.53 -4.56 -11.61
C VAL A 233 15.90 -4.15 -12.10
N VAL A 234 16.34 -2.96 -11.68
CA VAL A 234 17.53 -2.32 -12.23
C VAL A 234 18.63 -2.44 -11.21
N LEU A 235 19.68 -3.15 -11.58
CA LEU A 235 20.84 -3.42 -10.72
C LEU A 235 22.12 -2.77 -11.19
N GLN A 236 22.16 -2.23 -12.40
CA GLN A 236 23.36 -1.59 -12.92
C GLN A 236 23.03 -0.22 -13.45
N PRO A 237 24.04 0.66 -13.58
CA PRO A 237 23.75 2.02 -14.08
C PRO A 237 23.05 2.00 -15.43
N VAL A 238 22.25 3.04 -15.69
CA VAL A 238 21.51 3.16 -16.93
C VAL A 238 22.02 4.43 -17.60
N PRO A 239 22.60 4.32 -18.82
CA PRO A 239 23.16 5.49 -19.50
C PRO A 239 22.11 6.56 -19.74
N PRO A 240 22.54 7.81 -19.92
CA PRO A 240 21.57 8.85 -20.32
C PRO A 240 20.87 8.51 -21.63
N HIS A 241 19.60 8.91 -21.75
CA HIS A 241 18.79 8.80 -22.99
C HIS A 241 18.69 7.38 -23.53
N THR A 242 18.41 6.50 -22.59
CA THR A 242 18.39 5.08 -22.77
C THR A 242 17.14 4.50 -22.04
N THR A 243 16.66 3.37 -22.52
CA THR A 243 15.50 2.70 -21.97
C THR A 243 15.94 1.37 -21.44
N ALA A 244 15.65 1.13 -20.16
CA ALA A 244 15.98 -0.13 -19.50
C ALA A 244 14.71 -0.84 -19.03
N ALA A 245 14.67 -2.16 -19.21
CA ALA A 245 13.50 -2.95 -18.88
C ALA A 245 13.89 -4.39 -18.73
N GLY A 246 13.08 -5.11 -17.95
CA GLY A 246 13.30 -6.52 -17.66
C GLY A 246 13.61 -6.80 -16.18
N VAL A 247 13.56 -8.09 -15.84
CA VAL A 247 13.96 -8.58 -14.55
C VAL A 247 15.06 -9.63 -14.78
N PRO A 248 16.35 -9.31 -14.57
CA PRO A 248 16.85 -7.97 -14.29
C PRO A 248 16.85 -7.15 -15.55
N ALA A 249 17.06 -5.85 -15.42
CA ALA A 249 16.85 -4.92 -16.51
C ALA A 249 18.06 -4.87 -17.42
N ARG A 250 17.78 -4.68 -18.72
CA ARG A 250 18.78 -4.57 -19.77
C ARG A 250 18.43 -3.32 -20.58
N ILE A 251 19.41 -2.79 -21.29
CA ILE A 251 19.17 -1.68 -22.20
C ILE A 251 18.51 -2.23 -23.46
N VAL A 252 17.27 -1.81 -23.72
CA VAL A 252 16.46 -2.36 -24.80
C VAL A 252 16.12 -1.32 -25.89
N GLY A 253 16.63 -0.10 -25.78
CA GLY A 253 16.19 0.96 -26.69
C GLY A 253 16.50 2.35 -26.21
N LYS A 254 15.96 3.32 -26.93
CA LYS A 254 16.12 4.75 -26.66
C LYS A 254 14.73 5.36 -26.57
N PRO A 255 14.51 6.25 -25.59
CA PRO A 255 13.18 6.83 -25.49
C PRO A 255 12.82 7.72 -26.67
N GLY A 256 11.52 7.87 -26.90
CA GLY A 256 11.00 8.74 -27.94
C GLY A 256 11.23 10.21 -27.69
N SER A 257 11.45 10.63 -26.45
CA SER A 257 11.70 12.05 -26.19
C SER A 257 12.94 12.30 -25.36
N ASP A 258 13.39 13.55 -25.39
CA ASP A 258 14.57 14.00 -24.62
C ASP A 258 14.37 13.94 -23.10
N LYS A 259 13.13 14.15 -22.66
CA LYS A 259 12.73 14.12 -21.26
C LYS A 259 11.46 13.27 -21.11
N PRO A 260 11.61 11.94 -20.99
CA PRO A 260 10.46 11.07 -20.88
C PRO A 260 9.56 11.33 -19.65
N SER A 261 10.09 11.98 -18.62
CA SER A 261 9.26 12.45 -17.50
C SER A 261 8.11 13.35 -17.95
N MET A 262 8.33 14.17 -18.98
CA MET A 262 7.30 15.08 -19.51
C MET A 262 6.21 14.33 -20.28
N ASP A 263 6.56 13.24 -20.96
CA ASP A 263 5.62 12.59 -21.89
C ASP A 263 4.90 11.37 -21.36
N MET A 264 5.48 10.67 -20.38
CA MET A 264 4.81 9.53 -19.74
C MET A 264 4.42 8.39 -20.69
N ASP A 265 5.21 8.18 -21.73
CA ASP A 265 5.07 7.04 -22.62
C ASP A 265 5.60 5.81 -21.90
N GLN A 266 4.72 4.83 -21.66
CA GLN A 266 5.04 3.61 -20.91
C GLN A 266 5.59 2.47 -21.75
N HIS A 267 5.59 2.61 -23.08
CA HIS A 267 6.00 1.52 -23.96
C HIS A 267 7.53 1.31 -23.91
N PHE A 268 7.94 0.07 -24.12
CA PHE A 268 9.36 -0.28 -24.25
C PHE A 268 9.50 -1.58 -25.06
N ASN A 269 10.66 -1.80 -25.69
CA ASN A 269 10.90 -3.00 -26.55
C ASN A 269 11.15 -4.31 -25.79
N GLY A 270 10.97 -5.43 -26.49
CA GLY A 270 11.07 -6.77 -25.89
C GLY A 270 12.32 -7.06 -25.06
N GLU B 13 19.37 -11.08 25.06
CA GLU B 13 18.47 -11.21 26.23
C GLU B 13 17.57 -9.96 26.36
N LEU B 14 16.35 -10.19 26.87
CA LEU B 14 15.33 -9.14 27.06
C LEU B 14 15.86 -7.95 27.84
N GLU B 15 16.55 -8.25 28.91
CA GLU B 15 17.07 -7.21 29.77
C GLU B 15 17.98 -6.29 29.03
N ILE B 16 18.73 -6.81 28.08
CA ILE B 16 19.65 -5.95 27.36
C ILE B 16 18.91 -5.03 26.44
N VAL B 17 18.06 -5.61 25.63
CA VAL B 17 17.31 -4.83 24.71
C VAL B 17 16.57 -3.76 25.46
N TRP B 18 15.93 -4.13 26.55
CA TRP B 18 15.17 -3.17 27.30
C TRP B 18 15.97 -2.05 27.91
N LYS B 19 17.17 -2.34 28.37
CA LYS B 19 17.97 -1.30 28.97
C LYS B 19 18.45 -0.34 27.93
N ASN B 20 18.67 -0.84 26.73
CA ASN B 20 19.12 0.00 25.65
C ASN B 20 18.01 0.93 25.23
N ILE B 21 16.79 0.43 25.23
CA ILE B 21 15.66 1.22 24.84
C ILE B 21 15.43 2.36 25.81
N LYS B 22 15.57 2.11 27.10
CA LYS B 22 15.37 3.16 28.08
C LYS B 22 16.41 4.26 27.98
N ALA B 23 17.66 3.87 27.85
CA ALA B 23 18.75 4.84 27.66
C ALA B 23 18.47 5.75 26.46
N GLU B 24 18.12 5.14 25.33
CA GLU B 24 17.78 5.92 24.13
C GLU B 24 16.58 6.85 24.35
N ALA B 25 15.59 6.36 25.09
CA ALA B 25 14.39 7.15 25.42
C ALA B 25 14.71 8.40 26.25
N ARG B 26 15.61 8.25 27.22
CA ARG B 26 16.08 9.39 27.99
C ARG B 26 16.73 10.46 27.10
N ALA B 27 17.58 10.03 26.17
CA ALA B 27 18.24 10.95 25.26
C ALA B 27 17.24 11.63 24.31
N LEU B 28 16.29 10.86 23.78
CA LEU B 28 15.29 11.40 22.84
C LEU B 28 14.39 12.47 23.46
N ALA B 29 14.00 12.30 24.73
CA ALA B 29 13.21 13.32 25.44
C ALA B 29 13.90 14.69 25.44
N ASP B 30 15.23 14.72 25.56
CA ASP B 30 16.00 15.97 25.43
C ASP B 30 16.23 16.42 23.98
N CYS B 31 16.18 15.49 23.03
CA CYS B 31 16.33 15.85 21.60
C CYS B 31 15.13 16.60 21.00
N GLU B 32 13.93 16.22 21.42
CA GLU B 32 12.75 16.73 20.77
C GLU B 32 11.65 17.03 21.80
N PRO B 33 11.51 18.32 22.20
CA PRO B 33 10.48 18.83 23.11
C PRO B 33 9.05 18.44 22.73
N MET B 34 8.73 18.57 21.45
CA MET B 34 7.44 18.17 20.88
C MET B 34 7.03 16.74 21.22
N LEU B 35 7.98 15.82 21.37
CA LEU B 35 7.68 14.40 21.61
C LEU B 35 8.09 13.88 22.98
N ALA B 36 8.52 14.75 23.88
CA ALA B 36 8.99 14.30 25.20
C ALA B 36 7.95 13.49 25.96
N SER B 37 6.71 13.96 26.00
CA SER B 37 5.63 13.23 26.70
C SER B 37 5.29 11.91 26.02
N PHE B 38 5.42 11.89 24.69
CA PHE B 38 5.28 10.66 23.90
C PHE B 38 6.34 9.62 24.27
N TYR B 39 7.60 10.01 24.31
CA TYR B 39 8.67 9.04 24.69
C TYR B 39 8.47 8.56 26.12
N HIS B 40 8.02 9.47 26.98
CA HIS B 40 7.68 9.14 28.37
C HIS B 40 6.60 8.08 28.48
N ALA B 41 5.48 8.30 27.80
CA ALA B 41 4.34 7.36 27.84
C ALA B 41 4.63 6.02 27.22
N THR B 42 5.33 6.02 26.09
CA THR B 42 5.57 4.78 25.36
C THR B 42 6.73 3.97 25.90
N LEU B 43 7.73 4.61 26.51
CA LEU B 43 8.99 3.93 26.87
C LEU B 43 9.38 4.14 28.33
N LEU B 44 9.60 5.40 28.74
CA LEU B 44 10.15 5.68 30.07
C LEU B 44 9.30 5.20 31.25
N LYS B 45 7.98 5.25 31.12
CA LYS B 45 7.07 4.80 32.19
C LYS B 45 7.03 3.29 32.43
N HIS B 46 7.53 2.47 31.51
CA HIS B 46 7.37 1.01 31.60
C HIS B 46 8.59 0.34 32.20
N GLU B 47 8.35 -0.82 32.80
CA GLU B 47 9.36 -1.53 33.56
C GLU B 47 10.04 -2.63 32.75
N ASN B 48 9.41 -3.06 31.65
CA ASN B 48 9.93 -4.13 30.78
C ASN B 48 9.43 -3.99 29.33
N LEU B 49 10.02 -4.78 28.43
CA LEU B 49 9.58 -4.77 27.04
C LEU B 49 8.09 -5.11 26.90
N GLY B 50 7.64 -6.12 27.62
CA GLY B 50 6.26 -6.61 27.49
C GLY B 50 5.21 -5.56 27.73
N SER B 51 5.48 -4.68 28.68
CA SER B 51 4.54 -3.65 29.06
C SER B 51 4.53 -2.53 27.99
N ALA B 52 5.68 -2.27 27.38
CA ALA B 52 5.77 -1.28 26.31
C ALA B 52 5.19 -1.81 24.98
N LEU B 53 5.36 -3.10 24.68
CA LEU B 53 4.72 -3.72 23.52
C LEU B 53 3.20 -3.67 23.61
N SER B 54 2.67 -3.99 24.78
CA SER B 54 1.22 -3.95 24.99
C SER B 54 0.70 -2.53 24.86
N TYR B 55 1.46 -1.55 25.34
CA TYR B 55 1.05 -0.12 25.22
C TYR B 55 0.98 0.34 23.76
N MET B 56 2.00 -0.07 22.99
CA MET B 56 2.11 0.27 21.58
C MET B 56 1.02 -0.41 20.75
N LEU B 57 0.80 -1.72 20.95
CA LEU B 57 -0.26 -2.44 20.24
C LEU B 57 -1.66 -1.89 20.55
N ALA B 58 -1.92 -1.59 21.82
CA ALA B 58 -3.16 -0.91 22.21
C ALA B 58 -3.45 0.35 21.39
N ASN B 59 -2.50 1.30 21.36
CA ASN B 59 -2.72 2.58 20.66
C ASN B 59 -2.71 2.50 19.12
N LYS B 60 -2.12 1.44 18.58
CA LYS B 60 -1.99 1.27 17.15
C LYS B 60 -3.13 0.43 16.57
N LEU B 61 -3.57 -0.59 17.33
CA LEU B 61 -4.81 -1.31 17.05
C LEU B 61 -6.09 -0.65 17.63
N ALA B 62 -6.01 0.61 18.07
CA ALA B 62 -7.19 1.34 18.56
C ALA B 62 -8.17 1.60 17.41
N SER B 63 -9.43 1.26 17.63
CA SER B 63 -10.50 1.52 16.65
C SER B 63 -11.69 2.21 17.34
N PRO B 64 -12.55 2.88 16.54
CA PRO B 64 -13.87 3.26 17.06
C PRO B 64 -14.64 2.06 17.67
N ILE B 65 -14.50 0.88 17.06
CA ILE B 65 -15.16 -0.34 17.54
C ILE B 65 -14.60 -0.82 18.87
N MET B 66 -13.28 -1.03 18.92
CA MET B 66 -12.57 -1.47 20.12
C MET B 66 -11.51 -0.45 20.50
N PRO B 67 -11.59 0.13 21.73
CA PRO B 67 -10.62 1.17 22.10
C PRO B 67 -9.30 0.63 22.65
N ALA B 68 -8.30 1.50 22.65
CA ALA B 68 -6.92 1.19 23.11
C ALA B 68 -6.90 0.55 24.48
N ILE B 69 -7.61 1.17 25.40
CA ILE B 69 -7.75 0.68 26.79
C ILE B 69 -8.24 -0.77 26.93
N ALA B 70 -9.06 -1.24 26.00
CA ALA B 70 -9.61 -2.61 26.03
C ALA B 70 -8.71 -3.62 25.31
N ILE B 71 -8.07 -3.18 24.23
CA ILE B 71 -7.14 -4.05 23.48
C ILE B 71 -5.90 -4.38 24.31
N ARG B 72 -5.39 -3.38 25.06
CA ARG B 72 -4.24 -3.66 25.95
C ARG B 72 -4.54 -4.84 26.87
N GLU B 73 -5.78 -4.96 27.33
CA GLU B 73 -6.16 -6.06 28.22
C GLU B 73 -6.09 -7.42 27.52
N VAL B 74 -6.41 -7.47 26.23
CA VAL B 74 -6.30 -8.73 25.44
C VAL B 74 -4.83 -9.10 25.19
N VAL B 75 -4.02 -8.09 24.87
CA VAL B 75 -2.59 -8.30 24.63
C VAL B 75 -1.89 -8.75 25.91
N GLU B 76 -2.19 -8.10 27.05
CA GLU B 76 -1.62 -8.52 28.35
C GLU B 76 -1.97 -9.97 28.66
N GLU B 77 -3.21 -10.36 28.36
CA GLU B 77 -3.67 -11.72 28.61
C GLU B 77 -2.87 -12.73 27.78
N ALA B 78 -2.60 -12.40 26.52
CA ALA B 78 -1.82 -13.29 25.64
C ALA B 78 -0.36 -13.38 26.06
N TYR B 79 0.22 -12.25 26.49
CA TYR B 79 1.62 -12.25 26.97
C TYR B 79 1.82 -12.99 28.31
N ALA B 80 0.84 -12.92 29.21
CA ALA B 80 0.85 -13.73 30.44
C ALA B 80 0.83 -15.23 30.09
N ALA B 81 -0.17 -15.62 29.31
CA ALA B 81 -0.34 -17.02 28.92
C ALA B 81 0.82 -17.57 28.10
N ASP B 82 1.40 -16.74 27.23
CA ASP B 82 2.57 -17.14 26.45
C ASP B 82 3.63 -16.03 26.41
N PRO B 83 4.54 -16.00 27.40
CA PRO B 83 5.56 -14.93 27.39
C PRO B 83 6.66 -15.05 26.31
N GLU B 84 6.77 -16.17 25.61
CA GLU B 84 7.71 -16.26 24.46
C GLU B 84 7.44 -15.26 23.31
N MET B 85 6.22 -14.74 23.21
CA MET B 85 5.91 -13.70 22.20
C MET B 85 6.69 -12.42 22.46
N ILE B 86 6.88 -12.07 23.73
CA ILE B 86 7.70 -10.92 24.11
C ILE B 86 9.15 -11.14 23.69
N ALA B 87 9.66 -12.35 23.87
CA ALA B 87 11.04 -12.66 23.49
C ALA B 87 11.22 -12.71 21.97
N SER B 88 10.20 -13.18 21.26
CA SER B 88 10.18 -13.10 19.79
C SER B 88 10.28 -11.65 19.30
N ALA B 89 9.47 -10.76 19.88
CA ALA B 89 9.55 -9.32 19.59
C ALA B 89 10.96 -8.76 19.79
N ALA B 90 11.62 -9.15 20.88
CA ALA B 90 12.97 -8.69 21.15
C ALA B 90 13.97 -9.14 20.08
N CYS B 91 13.85 -10.38 19.62
CA CYS B 91 14.66 -10.86 18.49
C CYS B 91 14.36 -10.09 17.20
N ASP B 92 13.08 -9.74 16.99
CA ASP B 92 12.67 -8.93 15.82
C ASP B 92 13.27 -7.50 15.87
N ILE B 93 13.34 -6.90 17.06
CA ILE B 93 13.98 -5.60 17.23
C ILE B 93 15.47 -5.69 16.88
N GLN B 94 16.16 -6.70 17.39
CA GLN B 94 17.57 -6.88 17.08
C GLN B 94 17.81 -7.11 15.59
N ALA B 95 16.94 -7.92 14.97
CA ALA B 95 17.02 -8.17 13.53
C ALA B 95 16.98 -6.86 12.72
N VAL B 96 16.02 -5.97 13.01
CA VAL B 96 15.91 -4.71 12.26
C VAL B 96 17.14 -3.84 12.53
N ARG B 97 17.53 -3.74 13.80
CA ARG B 97 18.67 -2.91 14.16
C ARG B 97 19.96 -3.40 13.47
N THR B 98 20.24 -4.69 13.56
CA THR B 98 21.44 -5.24 12.92
C THR B 98 21.37 -5.27 11.38
N ARG B 99 20.21 -5.50 10.78
CA ARG B 99 20.11 -5.66 9.32
C ARG B 99 19.80 -4.38 8.53
N ASP B 100 19.11 -3.42 9.12
CA ASP B 100 18.68 -2.22 8.39
C ASP B 100 19.63 -1.07 8.70
N PRO B 101 20.43 -0.65 7.72
CA PRO B 101 21.42 0.39 8.03
C PRO B 101 20.83 1.80 8.30
N ALA B 102 19.56 2.02 7.96
CA ALA B 102 18.83 3.24 8.39
C ALA B 102 18.26 3.20 9.81
N VAL B 103 18.40 2.09 10.51
CA VAL B 103 17.99 1.95 11.91
C VAL B 103 19.21 1.64 12.80
N ASP B 104 19.63 2.60 13.62
CA ASP B 104 20.70 2.36 14.61
C ASP B 104 20.16 2.06 16.02
N LYS B 105 18.98 2.58 16.35
CA LYS B 105 18.43 2.43 17.71
C LYS B 105 17.45 1.28 17.87
N TYR B 106 17.42 0.69 19.07
CA TYR B 106 16.46 -0.35 19.44
C TYR B 106 15.04 0.21 19.59
N SER B 107 14.92 1.48 19.96
CA SER B 107 13.60 2.10 20.17
C SER B 107 12.86 2.29 18.85
N THR B 108 13.58 2.59 17.78
CA THR B 108 12.96 2.87 16.46
C THR B 108 11.89 1.84 15.96
N PRO B 109 12.20 0.54 15.99
CA PRO B 109 11.17 -0.43 15.56
C PRO B 109 9.92 -0.37 16.42
N LEU B 110 10.14 -0.29 17.74
CA LEU B 110 9.04 -0.23 18.70
C LEU B 110 8.22 1.03 18.53
N LEU B 111 8.86 2.18 18.36
CA LEU B 111 8.12 3.44 18.19
C LEU B 111 7.39 3.60 16.84
N TYR B 112 8.07 3.29 15.74
CA TYR B 112 7.66 3.82 14.42
C TYR B 112 7.44 2.83 13.27
N LEU B 113 8.10 1.67 13.26
CA LEU B 113 8.19 0.87 12.02
C LEU B 113 6.98 -0.04 11.89
N LYS B 114 6.17 0.22 10.87
CA LYS B 114 4.90 -0.47 10.71
C LYS B 114 5.03 -1.97 10.42
N GLY B 115 6.13 -2.37 9.81
CA GLY B 115 6.41 -3.77 9.61
C GLY B 115 6.60 -4.48 10.94
N PHE B 116 7.36 -3.84 11.84
CA PHE B 116 7.56 -4.38 13.17
C PHE B 116 6.23 -4.44 13.94
N HIS B 117 5.46 -3.36 13.91
CA HIS B 117 4.13 -3.34 14.56
C HIS B 117 3.17 -4.36 14.01
N ALA B 118 3.18 -4.57 12.69
CA ALA B 118 2.28 -5.55 12.07
C ALA B 118 2.64 -6.96 12.47
N LEU B 119 3.94 -7.25 12.52
CA LEU B 119 4.43 -8.57 12.90
C LEU B 119 4.06 -8.96 14.31
N GLN B 120 4.11 -8.00 15.24
CA GLN B 120 3.73 -8.28 16.63
C GLN B 120 2.22 -8.39 16.79
N ALA B 121 1.48 -7.62 15.99
CA ALA B 121 0.03 -7.74 15.96
C ALA B 121 -0.36 -9.13 15.48
N TYR B 122 0.29 -9.60 14.42
CA TYR B 122 0.10 -10.99 13.96
C TYR B 122 0.18 -12.02 15.11
N ARG B 123 1.22 -11.92 15.93
CA ARG B 123 1.46 -12.89 17.02
C ARG B 123 0.27 -12.93 18.00
N ILE B 124 -0.33 -11.77 18.26
CA ILE B 124 -1.54 -11.69 19.05
C ILE B 124 -2.70 -12.40 18.36
N GLY B 125 -2.90 -12.12 17.08
CA GLY B 125 -3.97 -12.79 16.33
C GLY B 125 -3.77 -14.29 16.19
N HIS B 126 -2.51 -14.73 16.04
CA HIS B 126 -2.14 -16.15 15.91
C HIS B 126 -2.39 -16.94 17.20
N TRP B 127 -2.14 -16.28 18.32
CA TRP B 127 -2.48 -16.82 19.63
C TRP B 127 -4.00 -16.97 19.77
N LEU B 128 -4.74 -15.91 19.44
CA LEU B 128 -6.21 -15.95 19.48
C LEU B 128 -6.80 -17.03 18.57
N TRP B 129 -6.21 -17.18 17.40
CA TRP B 129 -6.66 -18.19 16.43
C TRP B 129 -6.50 -19.59 17.01
N ASN B 130 -5.40 -19.81 17.73
CA ASN B 130 -5.09 -21.11 18.33
C ASN B 130 -5.94 -21.46 19.55
N LYS B 131 -6.41 -20.44 20.28
CA LYS B 131 -7.41 -20.57 21.34
C LYS B 131 -8.87 -20.58 20.81
N GLY B 132 -9.06 -20.64 19.49
CA GLY B 132 -10.40 -20.71 18.87
C GLY B 132 -11.17 -19.41 18.71
N ARG B 133 -10.57 -18.28 19.05
CA ARG B 133 -11.25 -16.98 18.96
C ARG B 133 -10.94 -16.32 17.60
N ARG B 134 -11.59 -16.84 16.56
CA ARG B 134 -11.22 -16.57 15.15
C ARG B 134 -11.82 -15.29 14.59
N ALA B 135 -13.05 -15.01 14.96
CA ALA B 135 -13.70 -13.75 14.65
C ALA B 135 -12.81 -12.56 15.05
N LEU B 136 -12.24 -12.62 16.25
CA LEU B 136 -11.35 -11.56 16.72
C LEU B 136 -9.98 -11.57 15.98
N ALA B 137 -9.46 -12.76 15.67
CA ALA B 137 -8.22 -12.87 14.92
C ALA B 137 -8.33 -12.35 13.47
N ILE B 138 -9.47 -12.61 12.84
CA ILE B 138 -9.76 -12.16 11.45
C ILE B 138 -10.07 -10.65 11.47
N PHE B 139 -10.80 -10.19 12.49
CA PHE B 139 -11.00 -8.76 12.69
C PHE B 139 -9.65 -8.00 12.73
N LEU B 140 -8.69 -8.51 13.52
CA LEU B 140 -7.40 -7.84 13.70
C LEU B 140 -6.53 -7.94 12.45
N GLN B 141 -6.51 -9.11 11.81
CA GLN B 141 -5.83 -9.27 10.53
C GLN B 141 -6.18 -8.13 9.56
N ASN B 142 -7.47 -7.88 9.41
CA ASN B 142 -7.97 -6.89 8.46
C ASN B 142 -7.83 -5.44 8.93
N GLN B 143 -7.89 -5.23 10.23
CA GLN B 143 -7.48 -3.94 10.83
C GLN B 143 -6.02 -3.59 10.49
N VAL B 144 -5.13 -4.57 10.60
CA VAL B 144 -3.69 -4.38 10.39
C VAL B 144 -3.38 -4.11 8.92
N SER B 145 -4.12 -4.81 8.05
CA SER B 145 -4.05 -4.58 6.61
C SER B 145 -4.42 -3.14 6.25
N VAL B 146 -5.47 -2.63 6.85
CA VAL B 146 -5.92 -1.25 6.64
C VAL B 146 -4.96 -0.22 7.25
N SER B 147 -4.55 -0.45 8.48
CA SER B 147 -3.76 0.52 9.25
C SER B 147 -2.27 0.52 8.91
N PHE B 148 -1.69 -0.66 8.69
CA PHE B 148 -0.27 -0.82 8.38
C PHE B 148 0.04 -1.39 7.00
N GLN B 149 -0.98 -1.78 6.23
CA GLN B 149 -0.79 -2.26 4.85
C GLN B 149 0.01 -3.55 4.77
N VAL B 150 -0.09 -4.35 5.83
CA VAL B 150 0.47 -5.69 5.92
C VAL B 150 -0.71 -6.64 6.17
N ASP B 151 -0.88 -7.65 5.31
CA ASP B 151 -1.99 -8.62 5.39
C ASP B 151 -1.42 -10.01 5.68
N ILE B 152 -1.41 -10.40 6.94
CA ILE B 152 -0.89 -11.71 7.35
C ILE B 152 -2.04 -12.50 7.92
N HIS B 153 -2.32 -13.65 7.32
CA HIS B 153 -3.37 -14.51 7.85
C HIS B 153 -2.88 -15.09 9.21
N PRO B 154 -3.70 -14.99 10.28
CA PRO B 154 -3.31 -15.48 11.65
C PRO B 154 -2.88 -16.93 11.78
N ALA B 155 -3.47 -17.82 11.00
CA ALA B 155 -3.03 -19.22 10.90
C ALA B 155 -1.64 -19.42 10.28
N ALA B 156 -1.04 -18.40 9.64
CA ALA B 156 0.37 -18.54 9.22
C ALA B 156 1.25 -18.80 10.43
N LYS B 157 2.35 -19.52 10.21
CA LYS B 157 3.34 -19.83 11.23
C LYS B 157 4.63 -19.05 10.98
N ILE B 158 4.89 -18.05 11.81
CA ILE B 158 6.02 -17.18 11.62
C ILE B 158 6.87 -17.23 12.87
N GLY B 159 8.16 -17.47 12.67
CA GLY B 159 9.11 -17.55 13.78
C GLY B 159 9.55 -16.18 14.28
N ARG B 160 10.82 -16.07 14.63
CA ARG B 160 11.39 -14.88 15.27
C ARG B 160 12.66 -14.48 14.55
N GLY B 161 13.15 -13.28 14.85
CA GLY B 161 14.27 -12.71 14.11
C GLY B 161 13.90 -12.36 12.67
N ILE B 162 12.66 -11.92 12.48
CA ILE B 162 12.10 -11.54 11.18
C ILE B 162 12.17 -10.02 11.02
N MET B 163 12.70 -9.56 9.90
CA MET B 163 12.60 -8.16 9.54
C MET B 163 11.60 -8.04 8.41
N LEU B 164 10.58 -7.20 8.60
CA LEU B 164 9.72 -6.78 7.51
C LEU B 164 10.06 -5.30 7.22
N ASP B 165 11.06 -5.09 6.37
CA ASP B 165 11.55 -3.74 6.08
C ASP B 165 10.58 -2.99 5.16
N HIS B 166 10.20 -1.78 5.58
CA HIS B 166 9.27 -0.89 4.85
C HIS B 166 7.85 -1.45 4.83
N ALA B 167 7.68 -2.67 4.33
CA ALA B 167 6.53 -3.53 4.67
C ALA B 167 5.27 -3.37 3.86
N THR B 168 5.02 -2.19 3.28
CA THR B 168 3.74 -1.95 2.61
C THR B 168 3.49 -2.89 1.42
N GLY B 169 2.27 -3.41 1.37
CA GLY B 169 1.89 -4.45 0.46
C GLY B 169 2.36 -5.88 0.74
N ILE B 170 2.91 -6.18 1.91
CA ILE B 170 3.21 -7.59 2.24
C ILE B 170 1.92 -8.39 2.44
N VAL B 171 1.87 -9.57 1.83
CA VAL B 171 0.74 -10.49 1.98
C VAL B 171 1.27 -11.86 2.34
N VAL B 172 0.83 -12.42 3.46
CA VAL B 172 1.18 -13.79 3.83
C VAL B 172 -0.11 -14.55 4.06
N GLY B 173 -0.32 -15.62 3.29
CA GLY B 173 -1.54 -16.42 3.40
C GLY B 173 -1.65 -17.43 4.55
N GLU B 174 -2.78 -18.12 4.55
CA GLU B 174 -3.25 -18.99 5.62
C GLU B 174 -2.27 -20.12 6.03
N THR B 175 -1.64 -20.78 5.05
CA THR B 175 -0.84 -21.99 5.28
C THR B 175 0.65 -21.73 5.06
N ALA B 176 1.05 -20.46 5.07
CA ALA B 176 2.44 -20.11 4.89
C ALA B 176 3.23 -20.42 6.15
N VAL B 177 4.53 -20.64 5.96
CA VAL B 177 5.44 -20.81 7.07
C VAL B 177 6.64 -19.93 6.80
N ILE B 178 7.03 -19.20 7.84
CA ILE B 178 8.24 -18.40 7.80
C ILE B 178 9.02 -18.77 9.05
N GLU B 179 10.15 -19.45 8.84
CA GLU B 179 11.02 -19.89 9.95
C GLU B 179 11.86 -18.71 10.44
N ASP B 180 12.75 -18.97 11.40
CA ASP B 180 13.52 -17.90 12.05
C ASP B 180 14.47 -17.21 11.07
N ASP B 181 14.84 -15.97 11.40
CA ASP B 181 15.92 -15.22 10.70
C ASP B 181 15.73 -15.09 9.17
N VAL B 182 14.54 -14.61 8.80
CA VAL B 182 14.18 -14.25 7.45
C VAL B 182 14.03 -12.74 7.33
N SER B 183 14.47 -12.19 6.21
CA SER B 183 14.29 -10.78 5.91
C SER B 183 13.42 -10.65 4.68
N ILE B 184 12.35 -9.86 4.82
CA ILE B 184 11.37 -9.65 3.77
C ILE B 184 11.17 -8.15 3.57
N LEU B 185 11.16 -7.75 2.30
CA LEU B 185 10.99 -6.35 1.96
C LEU B 185 9.55 -6.03 1.54
N GLN B 186 9.32 -4.76 1.20
CA GLN B 186 8.01 -4.30 0.71
C GLN B 186 7.47 -5.12 -0.47
N SER B 187 6.15 -5.21 -0.54
CA SER B 187 5.44 -5.75 -1.69
C SER B 187 5.75 -7.22 -2.00
N VAL B 188 6.11 -7.97 -0.95
CA VAL B 188 6.30 -9.39 -1.05
C VAL B 188 4.99 -10.13 -0.75
N THR B 189 4.65 -11.06 -1.63
CA THR B 189 3.48 -11.91 -1.48
C THR B 189 3.96 -13.33 -1.24
N LEU B 190 3.59 -13.91 -0.09
CA LEU B 190 3.66 -15.36 0.13
C LEU B 190 2.25 -15.89 -0.05
N GLY B 191 1.93 -16.27 -1.29
CA GLY B 191 0.53 -16.35 -1.76
C GLY B 191 0.03 -17.71 -2.21
N GLY B 192 -1.29 -17.79 -2.28
CA GLY B 192 -2.00 -19.01 -2.61
C GLY B 192 -2.20 -19.27 -4.10
N THR B 193 -2.74 -20.46 -4.36
CA THR B 193 -3.21 -20.94 -5.67
C THR B 193 -4.51 -21.70 -5.39
N GLY B 194 -5.41 -21.73 -6.37
CA GLY B 194 -6.62 -22.52 -6.31
C GLY B 194 -7.73 -21.92 -5.46
N LYS B 195 -8.87 -22.62 -5.46
CA LYS B 195 -10.10 -22.21 -4.75
C LYS B 195 -10.45 -23.17 -3.61
N THR B 196 -9.54 -24.12 -3.31
CA THR B 196 -9.77 -25.16 -2.29
C THR B 196 -8.91 -24.90 -1.04
N SER B 197 -9.42 -25.25 0.14
CA SER B 197 -8.60 -25.35 1.36
C SER B 197 -7.47 -26.38 1.17
N GLY B 198 -6.56 -26.42 2.12
CA GLY B 198 -5.39 -27.28 2.01
C GLY B 198 -4.13 -26.46 1.92
N ASP B 199 -3.01 -27.17 2.07
CA ASP B 199 -1.67 -26.60 1.92
C ASP B 199 -1.53 -26.00 0.51
N ARG B 200 -1.33 -24.69 0.46
CA ARG B 200 -1.19 -23.96 -0.82
C ARG B 200 -0.33 -22.68 -0.77
N HIS B 201 0.47 -22.49 0.28
CA HIS B 201 1.26 -21.27 0.45
C HIS B 201 2.69 -21.64 0.70
N PRO B 202 3.62 -20.70 0.48
CA PRO B 202 5.03 -21.05 0.56
C PRO B 202 5.55 -21.42 1.96
N LYS B 203 6.67 -22.15 1.97
CA LYS B 203 7.38 -22.51 3.19
C LYS B 203 8.75 -21.87 3.07
N ILE B 204 8.99 -20.86 3.89
CA ILE B 204 10.19 -20.05 3.80
C ILE B 204 11.10 -20.48 4.94
N ARG B 205 12.24 -21.08 4.60
CA ARG B 205 13.10 -21.66 5.62
C ARG B 205 14.12 -20.64 6.12
N GLU B 206 14.78 -21.03 7.19
CA GLU B 206 15.65 -20.15 7.94
C GLU B 206 16.74 -19.53 7.06
N GLY B 207 17.00 -18.24 7.29
CA GLY B 207 18.10 -17.53 6.64
C GLY B 207 17.82 -16.89 5.29
N VAL B 208 16.59 -17.04 4.81
CA VAL B 208 16.18 -16.56 3.48
C VAL B 208 15.96 -15.03 3.44
N MET B 209 16.47 -14.43 2.37
CA MET B 209 16.24 -13.01 2.05
C MET B 209 15.30 -12.96 0.85
N ILE B 210 14.22 -12.17 0.96
CA ILE B 210 13.28 -11.91 -0.14
C ILE B 210 13.22 -10.42 -0.50
N GLY B 211 13.68 -10.12 -1.71
CA GLY B 211 13.71 -8.76 -2.23
C GLY B 211 12.35 -8.15 -2.52
N ALA B 212 12.36 -6.82 -2.69
CA ALA B 212 11.16 -6.05 -2.88
C ALA B 212 10.33 -6.54 -4.06
N GLY B 213 9.04 -6.72 -3.86
CA GLY B 213 8.15 -7.13 -4.95
C GLY B 213 8.06 -8.61 -5.33
N ALA B 214 8.91 -9.47 -4.76
CA ALA B 214 8.86 -10.90 -5.09
C ALA B 214 7.50 -11.50 -4.78
N LYS B 215 7.01 -12.31 -5.71
CA LYS B 215 5.75 -13.02 -5.56
C LYS B 215 6.12 -14.52 -5.51
N ILE B 216 5.78 -15.19 -4.42
CA ILE B 216 6.06 -16.61 -4.22
C ILE B 216 4.70 -17.26 -4.00
N LEU B 217 4.35 -18.16 -4.90
CA LEU B 217 2.99 -18.68 -4.99
C LEU B 217 2.93 -20.22 -4.89
N GLY B 218 1.97 -20.72 -4.13
CA GLY B 218 1.72 -22.15 -3.99
C GLY B 218 2.49 -22.79 -2.86
N ASN B 219 2.21 -24.07 -2.63
CA ASN B 219 2.88 -24.86 -1.58
C ASN B 219 4.24 -25.32 -2.06
N ILE B 220 5.20 -24.40 -1.98
CA ILE B 220 6.56 -24.64 -2.40
C ILE B 220 7.56 -24.22 -1.32
N GLU B 221 8.73 -24.81 -1.45
CA GLU B 221 9.77 -24.77 -0.48
C GLU B 221 10.78 -23.74 -0.95
N VAL B 222 11.10 -22.77 -0.10
CA VAL B 222 12.28 -21.92 -0.33
C VAL B 222 13.27 -22.29 0.76
N GLY B 223 14.31 -23.02 0.40
CA GLY B 223 15.14 -23.70 1.38
C GLY B 223 16.14 -22.79 2.08
N ARG B 224 16.67 -23.29 3.19
CA ARG B 224 17.69 -22.63 4.00
C ARG B 224 18.67 -21.80 3.20
N GLY B 225 18.84 -20.55 3.60
CA GLY B 225 19.88 -19.70 3.01
C GLY B 225 19.71 -19.31 1.55
N ALA B 226 18.53 -19.55 0.98
CA ALA B 226 18.25 -19.10 -0.38
C ALA B 226 18.01 -17.58 -0.44
N LYS B 227 18.15 -17.03 -1.64
CA LYS B 227 17.88 -15.63 -1.87
C LYS B 227 16.90 -15.55 -3.03
N ILE B 228 15.83 -14.77 -2.83
CA ILE B 228 14.86 -14.49 -3.88
C ILE B 228 15.04 -13.05 -4.31
N GLY B 229 15.33 -12.87 -5.59
CA GLY B 229 15.63 -11.54 -6.12
C GLY B 229 14.41 -10.65 -6.15
N ALA B 230 14.63 -9.33 -6.16
CA ALA B 230 13.52 -8.38 -6.24
C ALA B 230 12.75 -8.60 -7.53
N GLY B 231 11.45 -8.38 -7.46
CA GLY B 231 10.57 -8.46 -8.60
C GLY B 231 10.37 -9.84 -9.20
N SER B 232 10.79 -10.89 -8.52
CA SER B 232 10.80 -12.24 -9.10
C SER B 232 9.49 -12.94 -8.79
N VAL B 233 9.09 -13.87 -9.65
CA VAL B 233 7.84 -14.62 -9.46
C VAL B 233 8.21 -16.10 -9.37
N VAL B 234 8.11 -16.66 -8.17
CA VAL B 234 8.59 -18.01 -7.84
C VAL B 234 7.43 -18.99 -7.79
N LEU B 235 7.43 -19.93 -8.73
CA LEU B 235 6.39 -20.94 -8.89
C LEU B 235 6.83 -22.39 -8.62
N GLN B 236 8.13 -22.62 -8.52
CA GLN B 236 8.69 -23.93 -8.23
C GLN B 236 9.67 -23.86 -7.05
N PRO B 237 9.90 -25.02 -6.37
CA PRO B 237 10.80 -25.02 -5.21
C PRO B 237 12.17 -24.42 -5.50
N VAL B 238 12.75 -23.75 -4.50
CA VAL B 238 14.08 -23.16 -4.62
C VAL B 238 14.98 -23.95 -3.67
N PRO B 239 16.02 -24.65 -4.18
CA PRO B 239 16.87 -25.42 -3.28
C PRO B 239 17.65 -24.54 -2.29
N PRO B 240 18.09 -25.12 -1.15
CA PRO B 240 18.91 -24.37 -0.18
C PRO B 240 20.15 -23.72 -0.79
N HIS B 241 20.55 -22.57 -0.24
CA HIS B 241 21.81 -21.87 -0.61
C HIS B 241 21.93 -21.56 -2.11
N THR B 242 20.82 -21.09 -2.66
CA THR B 242 20.64 -20.82 -4.07
C THR B 242 19.94 -19.47 -4.27
N THR B 243 20.26 -18.79 -5.36
CA THR B 243 19.61 -17.54 -5.74
C THR B 243 18.62 -17.80 -6.87
N ALA B 244 17.38 -17.35 -6.69
CA ALA B 244 16.35 -17.46 -7.72
C ALA B 244 15.90 -16.06 -8.11
N ALA B 245 15.82 -15.82 -9.42
CA ALA B 245 15.39 -14.54 -9.97
C ALA B 245 14.76 -14.69 -11.35
N GLY B 246 13.97 -13.69 -11.73
CA GLY B 246 13.29 -13.61 -13.03
C GLY B 246 11.79 -13.77 -12.89
N VAL B 247 11.09 -13.58 -14.00
CA VAL B 247 9.65 -13.79 -14.08
C VAL B 247 9.35 -14.73 -15.28
N PRO B 248 8.99 -16.00 -15.06
CA PRO B 248 9.06 -16.67 -13.77
C PRO B 248 10.52 -16.89 -13.34
N ALA B 249 10.73 -17.19 -12.07
CA ALA B 249 12.06 -17.31 -11.49
C ALA B 249 12.70 -18.64 -11.88
N ARG B 250 14.00 -18.56 -12.16
CA ARG B 250 14.84 -19.75 -12.25
C ARG B 250 16.16 -19.51 -11.51
N ILE B 251 16.90 -20.60 -11.26
CA ILE B 251 18.13 -20.54 -10.47
C ILE B 251 19.23 -19.86 -11.28
N VAL B 252 19.89 -18.86 -10.67
CA VAL B 252 20.80 -17.96 -11.38
C VAL B 252 22.19 -17.81 -10.74
N GLY B 253 22.44 -18.53 -9.65
CA GLY B 253 23.64 -18.29 -8.85
C GLY B 253 23.52 -18.79 -7.44
N LYS B 254 24.52 -18.44 -6.65
CA LYS B 254 24.56 -18.80 -5.23
C LYS B 254 24.75 -17.54 -4.41
N PRO B 255 24.08 -17.47 -3.25
CA PRO B 255 24.34 -16.30 -2.37
C PRO B 255 25.79 -16.25 -1.89
N GLY B 256 26.30 -15.03 -1.72
CA GLY B 256 27.63 -14.81 -1.19
C GLY B 256 27.82 -15.15 0.29
N SER B 257 26.74 -15.47 1.02
CA SER B 257 26.86 -15.94 2.40
C SER B 257 25.84 -17.03 2.75
N ASP B 258 26.09 -17.71 3.87
CA ASP B 258 25.22 -18.79 4.37
C ASP B 258 23.84 -18.37 4.86
N LYS B 259 23.70 -17.13 5.32
CA LYS B 259 22.42 -16.56 5.71
C LYS B 259 22.20 -15.22 5.02
N PRO B 260 21.62 -15.22 3.81
CA PRO B 260 21.48 -13.92 3.15
C PRO B 260 20.55 -12.95 3.88
N SER B 261 19.68 -13.43 4.74
CA SER B 261 18.88 -12.54 5.56
C SER B 261 19.71 -11.58 6.40
N MET B 262 20.94 -11.97 6.77
CA MET B 262 21.77 -11.15 7.64
C MET B 262 22.57 -10.13 6.87
N ASP B 263 22.79 -10.34 5.57
CA ASP B 263 23.65 -9.47 4.75
C ASP B 263 22.89 -8.47 3.84
N MET B 264 21.66 -8.81 3.45
CA MET B 264 20.79 -7.94 2.64
C MET B 264 21.42 -7.45 1.33
N ASP B 265 22.21 -8.32 0.72
CA ASP B 265 22.82 -8.07 -0.61
C ASP B 265 21.75 -8.34 -1.66
N GLN B 266 21.29 -7.27 -2.31
CA GLN B 266 20.26 -7.37 -3.35
C GLN B 266 20.72 -7.87 -4.72
N HIS B 267 22.03 -7.90 -4.96
CA HIS B 267 22.56 -8.36 -6.26
C HIS B 267 22.16 -9.80 -6.61
N PHE B 268 21.78 -9.99 -7.86
CA PHE B 268 21.66 -11.30 -8.47
C PHE B 268 22.13 -11.21 -9.93
N ASN B 269 22.26 -12.38 -10.56
CA ASN B 269 22.75 -12.50 -11.95
C ASN B 269 21.60 -12.92 -12.87
N GLU C 13 -29.20 -15.52 -6.48
CA GLU C 13 -30.44 -14.90 -5.96
C GLU C 13 -30.12 -14.10 -4.69
N LEU C 14 -30.56 -12.84 -4.68
CA LEU C 14 -30.16 -11.84 -3.66
C LEU C 14 -30.55 -12.18 -2.21
N GLU C 15 -31.79 -12.57 -2.01
CA GLU C 15 -32.24 -12.85 -0.67
C GLU C 15 -31.54 -14.00 0.00
N ILE C 16 -30.94 -14.88 -0.78
CA ILE C 16 -30.24 -16.00 -0.20
C ILE C 16 -29.14 -15.41 0.64
N VAL C 17 -28.25 -14.71 -0.03
CA VAL C 17 -27.12 -14.07 0.57
C VAL C 17 -27.46 -13.40 1.87
N TRP C 18 -28.44 -12.51 1.84
CA TRP C 18 -28.80 -11.80 3.04
C TRP C 18 -29.19 -12.72 4.17
N LYS C 19 -29.89 -13.80 3.86
CA LYS C 19 -30.32 -14.71 4.90
C LYS C 19 -29.14 -15.37 5.57
N ASN C 20 -28.26 -15.93 4.76
CA ASN C 20 -27.09 -16.59 5.27
C ASN C 20 -26.35 -15.68 6.20
N ILE C 21 -26.18 -14.44 5.79
CA ILE C 21 -25.48 -13.49 6.60
C ILE C 21 -26.10 -13.31 7.97
N LYS C 22 -27.42 -13.38 8.06
CA LYS C 22 -28.06 -13.18 9.35
C LYS C 22 -27.87 -14.36 10.26
N ALA C 23 -28.02 -15.54 9.70
CA ALA C 23 -27.78 -16.76 10.46
C ALA C 23 -26.37 -16.73 11.06
N GLU C 24 -25.38 -16.54 10.18
CA GLU C 24 -23.97 -16.37 10.56
C GLU C 24 -23.77 -15.30 11.62
N ALA C 25 -24.49 -14.19 11.50
CA ALA C 25 -24.43 -13.10 12.48
C ALA C 25 -24.92 -13.49 13.89
N ARG C 26 -25.87 -14.42 13.97
CA ARG C 26 -26.31 -14.96 15.27
C ARG C 26 -25.24 -15.90 15.85
N ALA C 27 -24.94 -16.98 15.12
CA ALA C 27 -23.90 -17.95 15.48
C ALA C 27 -22.60 -17.33 16.02
N LEU C 28 -22.18 -16.21 15.41
CA LEU C 28 -20.93 -15.52 15.77
C LEU C 28 -21.08 -14.55 16.93
N ALA C 29 -22.22 -13.88 17.07
CA ALA C 29 -22.38 -12.82 18.10
C ALA C 29 -22.36 -13.33 19.56
N ASP C 30 -22.62 -14.62 19.75
CA ASP C 30 -22.45 -15.28 21.06
C ASP C 30 -20.98 -15.36 21.46
N CYS C 31 -20.14 -15.80 20.52
CA CYS C 31 -18.73 -16.13 20.77
C CYS C 31 -17.89 -14.99 21.33
N GLU C 32 -17.87 -13.84 20.66
CA GLU C 32 -17.02 -12.70 21.06
C GLU C 32 -17.79 -11.61 21.79
N PRO C 33 -17.77 -11.61 23.15
CA PRO C 33 -18.45 -10.53 23.86
C PRO C 33 -17.89 -9.13 23.53
N MET C 34 -16.60 -9.07 23.18
CA MET C 34 -15.96 -7.82 22.73
C MET C 34 -16.66 -7.24 21.49
N LEU C 35 -17.01 -8.11 20.54
CA LEU C 35 -17.63 -7.72 19.26
C LEU C 35 -19.17 -7.65 19.24
N ALA C 36 -19.83 -8.19 20.27
CA ALA C 36 -21.30 -8.31 20.33
C ALA C 36 -22.05 -7.08 19.80
N SER C 37 -21.82 -5.92 20.40
CA SER C 37 -22.47 -4.67 19.93
C SER C 37 -22.08 -4.23 18.50
N PHE C 38 -20.90 -4.67 18.02
CA PHE C 38 -20.46 -4.45 16.62
C PHE C 38 -21.25 -5.32 15.62
N TYR C 39 -21.43 -6.59 15.91
CA TYR C 39 -22.28 -7.48 15.08
C TYR C 39 -23.75 -7.02 15.00
N HIS C 40 -24.31 -6.65 16.14
CA HIS C 40 -25.68 -6.13 16.22
C HIS C 40 -25.84 -4.89 15.35
N ALA C 41 -24.81 -4.05 15.36
CA ALA C 41 -24.75 -2.84 14.56
C ALA C 41 -24.58 -3.09 13.05
N THR C 42 -23.62 -3.91 12.64
CA THR C 42 -23.33 -4.12 11.21
C THR C 42 -24.29 -5.04 10.47
N LEU C 43 -24.82 -6.04 11.17
CA LEU C 43 -25.64 -7.06 10.53
C LEU C 43 -27.06 -7.24 11.11
N LEU C 44 -27.22 -7.29 12.44
CA LEU C 44 -28.48 -7.75 13.04
C LEU C 44 -29.63 -6.74 13.07
N LYS C 45 -29.34 -5.45 13.21
CA LYS C 45 -30.40 -4.44 13.20
C LYS C 45 -30.91 -4.02 11.81
N HIS C 46 -30.37 -4.61 10.73
CA HIS C 46 -30.79 -4.30 9.35
C HIS C 46 -31.64 -5.44 8.77
N GLU C 47 -32.61 -5.08 7.93
CA GLU C 47 -33.53 -6.04 7.31
C GLU C 47 -33.20 -6.40 5.85
N ASN C 48 -32.36 -5.62 5.20
CA ASN C 48 -31.88 -5.94 3.84
C ASN C 48 -30.39 -5.65 3.67
N LEU C 49 -29.82 -6.23 2.62
CA LEU C 49 -28.42 -6.04 2.32
C LEU C 49 -28.08 -4.56 2.08
N GLY C 50 -28.99 -3.81 1.48
CA GLY C 50 -28.78 -2.40 1.21
C GLY C 50 -28.53 -1.57 2.45
N SER C 51 -29.28 -1.86 3.53
CA SER C 51 -29.14 -1.13 4.80
C SER C 51 -27.79 -1.38 5.46
N ALA C 52 -27.37 -2.63 5.44
CA ALA C 52 -26.07 -3.07 5.94
C ALA C 52 -24.88 -2.47 5.14
N LEU C 53 -24.95 -2.54 3.81
CA LEU C 53 -23.97 -1.90 2.92
C LEU C 53 -23.82 -0.42 3.16
N SER C 54 -24.95 0.29 3.29
CA SER C 54 -24.91 1.71 3.58
C SER C 54 -24.31 1.99 4.96
N TYR C 55 -24.59 1.11 5.93
CA TYR C 55 -24.02 1.22 7.26
C TYR C 55 -22.51 1.09 7.18
N MET C 56 -22.03 0.02 6.56
CA MET C 56 -20.60 -0.25 6.58
C MET C 56 -19.82 0.80 5.77
N LEU C 57 -20.35 1.23 4.62
CA LEU C 57 -19.72 2.30 3.84
C LEU C 57 -19.70 3.63 4.57
N ALA C 58 -20.79 3.96 5.27
CA ALA C 58 -20.84 5.19 6.05
C ALA C 58 -19.76 5.24 7.11
N ASN C 59 -19.60 4.13 7.85
CA ASN C 59 -18.54 4.06 8.88
C ASN C 59 -17.16 4.02 8.26
N LYS C 60 -17.05 3.31 7.14
CA LYS C 60 -15.76 3.12 6.47
C LYS C 60 -15.26 4.40 5.81
N LEU C 61 -16.16 5.19 5.25
CA LEU C 61 -15.80 6.43 4.57
C LEU C 61 -15.88 7.69 5.45
N ALA C 62 -16.30 7.57 6.70
CA ALA C 62 -16.48 8.74 7.56
C ALA C 62 -15.17 9.50 7.69
N SER C 63 -15.29 10.83 7.71
CA SER C 63 -14.16 11.74 7.92
C SER C 63 -14.64 12.97 8.71
N PRO C 64 -13.70 13.77 9.23
CA PRO C 64 -14.13 15.06 9.79
C PRO C 64 -14.92 15.88 8.75
N ILE C 65 -14.41 15.93 7.52
CA ILE C 65 -15.03 16.67 6.40
C ILE C 65 -16.48 16.25 6.10
N MET C 66 -16.77 14.95 6.24
CA MET C 66 -18.07 14.41 5.89
C MET C 66 -18.36 13.21 6.80
N PRO C 67 -19.10 13.43 7.91
CA PRO C 67 -19.31 12.34 8.87
C PRO C 67 -20.22 11.24 8.35
N ALA C 68 -20.32 10.16 9.13
CA ALA C 68 -20.91 8.90 8.71
C ALA C 68 -22.36 9.07 8.33
N ILE C 69 -23.05 9.87 9.13
CA ILE C 69 -24.47 10.11 8.96
C ILE C 69 -24.77 10.82 7.62
N ALA C 70 -23.96 11.82 7.27
CA ALA C 70 -24.01 12.50 5.95
C ALA C 70 -23.69 11.57 4.77
N ILE C 71 -22.62 10.77 4.87
CA ILE C 71 -22.29 9.76 3.84
C ILE C 71 -23.41 8.75 3.63
N ARG C 72 -24.01 8.28 4.72
CA ARG C 72 -25.08 7.30 4.59
C ARG C 72 -26.28 7.81 3.77
N GLU C 73 -26.55 9.12 3.87
CA GLU C 73 -27.60 9.76 3.07
C GLU C 73 -27.26 9.75 1.59
N VAL C 74 -26.00 10.00 1.25
CA VAL C 74 -25.58 9.96 -0.16
C VAL C 74 -25.73 8.55 -0.71
N VAL C 75 -25.32 7.58 0.08
CA VAL C 75 -25.29 6.19 -0.33
C VAL C 75 -26.70 5.64 -0.48
N GLU C 76 -27.59 5.98 0.45
CA GLU C 76 -29.00 5.57 0.35
C GLU C 76 -29.70 6.21 -0.88
N GLU C 77 -29.42 7.48 -1.16
CA GLU C 77 -29.86 8.16 -2.40
C GLU C 77 -29.41 7.41 -3.68
N ALA C 78 -28.16 6.94 -3.66
CA ALA C 78 -27.62 6.16 -4.78
C ALA C 78 -28.29 4.79 -4.91
N TYR C 79 -28.45 4.08 -3.79
CA TYR C 79 -29.13 2.78 -3.80
C TYR C 79 -30.62 2.87 -4.17
N ALA C 80 -31.30 3.97 -3.81
CA ALA C 80 -32.72 4.16 -4.20
C ALA C 80 -32.86 4.45 -5.71
N ALA C 81 -32.00 5.31 -6.24
CA ALA C 81 -31.98 5.59 -7.68
C ALA C 81 -31.46 4.44 -8.54
N ASP C 82 -30.64 3.55 -7.98
CA ASP C 82 -30.13 2.41 -8.75
C ASP C 82 -29.93 1.17 -7.86
N PRO C 83 -31.02 0.43 -7.62
CA PRO C 83 -30.94 -0.79 -6.80
C PRO C 83 -30.04 -1.90 -7.36
N GLU C 84 -29.68 -1.84 -8.64
CA GLU C 84 -28.74 -2.84 -9.19
C GLU C 84 -27.32 -2.80 -8.56
N MET C 85 -26.91 -1.67 -7.97
CA MET C 85 -25.67 -1.60 -7.19
C MET C 85 -25.66 -2.59 -5.98
N ILE C 86 -26.81 -2.71 -5.32
CA ILE C 86 -27.01 -3.66 -4.23
C ILE C 86 -26.87 -5.11 -4.71
N ALA C 87 -27.44 -5.40 -5.87
CA ALA C 87 -27.31 -6.73 -6.48
C ALA C 87 -25.88 -7.01 -6.93
N SER C 88 -25.20 -6.01 -7.48
CA SER C 88 -23.78 -6.18 -7.87
C SER C 88 -22.92 -6.59 -6.67
N ALA C 89 -23.14 -5.92 -5.54
CA ALA C 89 -22.47 -6.22 -4.26
C ALA C 89 -22.74 -7.64 -3.75
N ALA C 90 -23.97 -8.12 -3.93
CA ALA C 90 -24.31 -9.50 -3.58
C ALA C 90 -23.54 -10.49 -4.44
N CYS C 91 -23.45 -10.24 -5.74
CA CYS C 91 -22.62 -11.06 -6.63
C CYS C 91 -21.13 -10.99 -6.28
N ASP C 92 -20.67 -9.81 -5.84
CA ASP C 92 -19.27 -9.64 -5.40
C ASP C 92 -19.00 -10.42 -4.14
N ILE C 93 -19.98 -10.46 -3.21
CA ILE C 93 -19.90 -11.30 -2.00
C ILE C 93 -19.72 -12.76 -2.37
N GLN C 94 -20.61 -13.25 -3.24
CA GLN C 94 -20.54 -14.65 -3.73
C GLN C 94 -19.23 -15.00 -4.41
N ALA C 95 -18.72 -14.08 -5.21
CA ALA C 95 -17.44 -14.28 -5.90
C ALA C 95 -16.29 -14.52 -4.94
N VAL C 96 -16.19 -13.69 -3.90
CA VAL C 96 -15.14 -13.84 -2.89
C VAL C 96 -15.33 -15.17 -2.15
N ARG C 97 -16.56 -15.45 -1.72
CA ARG C 97 -16.84 -16.70 -0.99
C ARG C 97 -16.47 -17.93 -1.80
N THR C 98 -16.84 -17.96 -3.07
CA THR C 98 -16.59 -19.16 -3.89
C THR C 98 -15.17 -19.26 -4.39
N ARG C 99 -14.46 -18.13 -4.57
CA ARG C 99 -13.12 -18.15 -5.18
C ARG C 99 -11.96 -18.12 -4.19
N ASP C 100 -12.20 -17.50 -3.02
CA ASP C 100 -11.17 -17.36 -1.99
C ASP C 100 -11.30 -18.45 -0.91
N PRO C 101 -10.37 -19.41 -0.89
CA PRO C 101 -10.48 -20.51 0.06
C PRO C 101 -10.25 -20.15 1.53
N ALA C 102 -9.78 -18.93 1.81
CA ALA C 102 -9.73 -18.39 3.17
C ALA C 102 -11.05 -17.79 3.62
N VAL C 103 -12.02 -17.63 2.71
CA VAL C 103 -13.37 -17.16 3.06
C VAL C 103 -14.39 -18.27 2.74
N ASP C 104 -15.14 -18.66 3.76
CA ASP C 104 -16.29 -19.57 3.58
C ASP C 104 -17.63 -19.03 4.11
N LYS C 105 -17.62 -17.85 4.73
CA LYS C 105 -18.82 -17.18 5.21
C LYS C 105 -19.15 -15.96 4.32
N TYR C 106 -20.45 -15.74 4.10
CA TYR C 106 -20.95 -14.59 3.32
C TYR C 106 -20.77 -13.26 4.06
N SER C 107 -20.70 -13.32 5.38
CA SER C 107 -20.52 -12.14 6.21
C SER C 107 -19.12 -11.51 6.14
N THR C 108 -18.12 -12.32 5.85
CA THR C 108 -16.71 -11.91 5.98
C THR C 108 -16.37 -10.74 5.03
N PRO C 109 -16.71 -10.87 3.73
CA PRO C 109 -16.45 -9.75 2.81
C PRO C 109 -17.07 -8.45 3.28
N LEU C 110 -18.35 -8.53 3.68
CA LEU C 110 -19.07 -7.35 4.12
C LEU C 110 -18.51 -6.71 5.39
N LEU C 111 -17.95 -7.53 6.29
CA LEU C 111 -17.44 -7.00 7.55
C LEU C 111 -15.99 -6.53 7.46
N TYR C 112 -15.14 -7.28 6.76
CA TYR C 112 -13.68 -7.23 6.95
C TYR C 112 -12.80 -6.86 5.74
N LEU C 113 -13.15 -7.30 4.53
CA LEU C 113 -12.22 -7.32 3.40
C LEU C 113 -12.17 -5.99 2.65
N LYS C 114 -11.04 -5.29 2.74
CA LYS C 114 -10.94 -3.91 2.22
C LYS C 114 -11.16 -3.83 0.71
N GLY C 115 -10.78 -4.89 0.00
CA GLY C 115 -11.07 -5.02 -1.44
C GLY C 115 -12.55 -4.95 -1.73
N PHE C 116 -13.34 -5.69 -0.96
CA PHE C 116 -14.79 -5.66 -1.13
C PHE C 116 -15.31 -4.24 -0.86
N HIS C 117 -14.83 -3.63 0.22
CA HIS C 117 -15.28 -2.28 0.63
C HIS C 117 -14.91 -1.21 -0.41
N ALA C 118 -13.71 -1.31 -0.98
CA ALA C 118 -13.27 -0.34 -1.99
C ALA C 118 -14.10 -0.47 -3.27
N LEU C 119 -14.37 -1.70 -3.66
CA LEU C 119 -15.27 -1.96 -4.79
C LEU C 119 -16.66 -1.30 -4.65
N GLN C 120 -17.31 -1.48 -3.51
CA GLN C 120 -18.63 -0.88 -3.32
C GLN C 120 -18.57 0.64 -3.16
N ALA C 121 -17.47 1.16 -2.62
CA ALA C 121 -17.23 2.59 -2.58
C ALA C 121 -17.06 3.18 -4.00
N TYR C 122 -16.32 2.49 -4.86
CA TYR C 122 -16.24 2.90 -6.28
C TYR C 122 -17.65 3.01 -6.90
N ARG C 123 -18.53 2.05 -6.62
CA ARG C 123 -19.87 2.06 -7.26
C ARG C 123 -20.63 3.34 -6.94
N ILE C 124 -20.54 3.80 -5.69
CA ILE C 124 -21.12 5.10 -5.29
C ILE C 124 -20.43 6.23 -6.04
N GLY C 125 -19.12 6.17 -6.09
CA GLY C 125 -18.38 7.17 -6.83
C GLY C 125 -18.74 7.25 -8.30
N HIS C 126 -18.94 6.09 -8.91
CA HIS C 126 -19.30 5.95 -10.32
C HIS C 126 -20.67 6.58 -10.59
N TRP C 127 -21.63 6.22 -9.75
CA TRP C 127 -22.95 6.81 -9.79
C TRP C 127 -22.89 8.33 -9.65
N LEU C 128 -22.12 8.81 -8.67
CA LEU C 128 -21.95 10.25 -8.51
C LEU C 128 -21.38 10.91 -9.74
N TRP C 129 -20.37 10.28 -10.33
CA TRP C 129 -19.70 10.79 -11.52
C TRP C 129 -20.64 10.88 -12.73
N ASN C 130 -21.41 9.83 -12.98
CA ASN C 130 -22.38 9.83 -14.09
C ASN C 130 -23.56 10.80 -13.93
N LYS C 131 -23.82 11.26 -12.70
CA LYS C 131 -24.81 12.32 -12.43
C LYS C 131 -24.23 13.74 -12.41
N GLY C 132 -22.95 13.92 -12.73
CA GLY C 132 -22.37 15.25 -12.73
C GLY C 132 -21.73 15.70 -11.43
N ARG C 133 -21.81 14.88 -10.37
CA ARG C 133 -21.22 15.21 -9.07
C ARG C 133 -19.77 14.70 -9.02
N ARG C 134 -18.94 15.26 -9.89
CA ARG C 134 -17.60 14.75 -10.12
C ARG C 134 -16.62 15.19 -9.04
N ALA C 135 -16.83 16.38 -8.48
CA ALA C 135 -15.95 16.87 -7.43
C ALA C 135 -16.07 15.95 -6.21
N LEU C 136 -17.28 15.51 -5.89
CA LEU C 136 -17.49 14.58 -4.78
C LEU C 136 -16.92 13.19 -5.08
N ALA C 137 -17.02 12.75 -6.33
CA ALA C 137 -16.53 11.42 -6.71
C ALA C 137 -15.04 11.33 -6.58
N ILE C 138 -14.34 12.40 -6.99
CA ILE C 138 -12.89 12.47 -6.92
C ILE C 138 -12.42 12.54 -5.45
N PHE C 139 -13.18 13.23 -4.60
CA PHE C 139 -12.91 13.29 -3.17
C PHE C 139 -13.00 11.86 -2.60
N LEU C 140 -14.07 11.14 -2.91
CA LEU C 140 -14.20 9.75 -2.45
C LEU C 140 -13.15 8.77 -3.00
N GLN C 141 -12.81 8.87 -4.29
CA GLN C 141 -11.71 8.06 -4.86
C GLN C 141 -10.41 8.20 -4.03
N ASN C 142 -10.05 9.44 -3.69
CA ASN C 142 -8.76 9.70 -3.04
C ASN C 142 -8.75 9.36 -1.56
N GLN C 143 -9.91 9.45 -0.92
CA GLN C 143 -10.11 8.93 0.41
C GLN C 143 -10.07 7.40 0.48
N VAL C 144 -10.66 6.73 -0.51
CA VAL C 144 -10.61 5.28 -0.58
C VAL C 144 -9.16 4.85 -0.80
N SER C 145 -8.41 5.62 -1.60
CA SER C 145 -6.97 5.35 -1.80
C SER C 145 -6.16 5.45 -0.48
N VAL C 146 -6.44 6.45 0.34
CA VAL C 146 -5.74 6.64 1.62
C VAL C 146 -6.17 5.57 2.61
N SER C 147 -7.46 5.26 2.64
CA SER C 147 -8.04 4.44 3.69
C SER C 147 -7.98 2.94 3.43
N PHE C 148 -8.17 2.54 2.18
CA PHE C 148 -8.10 1.14 1.80
C PHE C 148 -6.98 0.78 0.84
N GLN C 149 -6.20 1.77 0.39
CA GLN C 149 -5.05 1.54 -0.50
C GLN C 149 -5.45 0.92 -1.86
N VAL C 150 -6.68 1.23 -2.27
CA VAL C 150 -7.20 0.90 -3.59
C VAL C 150 -7.58 2.22 -4.25
N ASP C 151 -6.97 2.51 -5.38
CA ASP C 151 -7.20 3.77 -6.13
C ASP C 151 -7.94 3.43 -7.43
N ILE C 152 -9.26 3.61 -7.45
CA ILE C 152 -10.06 3.36 -8.66
C ILE C 152 -10.70 4.66 -9.10
N HIS C 153 -10.40 5.10 -10.31
CA HIS C 153 -11.01 6.32 -10.84
C HIS C 153 -12.52 6.09 -11.02
N PRO C 154 -13.37 7.02 -10.57
CA PRO C 154 -14.83 6.77 -10.64
C PRO C 154 -15.48 6.64 -12.05
N ALA C 155 -14.83 7.17 -13.09
CA ALA C 155 -15.18 6.91 -14.50
C ALA C 155 -14.89 5.51 -15.06
N ALA C 156 -14.05 4.71 -14.39
CA ALA C 156 -13.86 3.31 -14.79
C ALA C 156 -15.21 2.59 -14.82
N LYS C 157 -15.34 1.60 -15.71
CA LYS C 157 -16.61 0.84 -15.85
C LYS C 157 -16.38 -0.59 -15.38
N ILE C 158 -16.91 -0.92 -14.21
CA ILE C 158 -16.61 -2.20 -13.55
C ILE C 158 -17.88 -2.98 -13.36
N GLY C 159 -17.87 -4.23 -13.82
CA GLY C 159 -19.03 -5.10 -13.73
C GLY C 159 -19.26 -5.66 -12.33
N ARG C 160 -19.85 -6.85 -12.28
CA ARG C 160 -20.22 -7.52 -11.05
C ARG C 160 -19.62 -8.91 -11.03
N GLY C 161 -19.57 -9.52 -9.84
CA GLY C 161 -18.89 -10.78 -9.64
C GLY C 161 -17.39 -10.56 -9.66
N ILE C 162 -16.94 -9.45 -9.09
CA ILE C 162 -15.51 -9.11 -9.06
C ILE C 162 -14.92 -9.43 -7.71
N MET C 163 -13.75 -10.08 -7.72
CA MET C 163 -12.95 -10.29 -6.52
C MET C 163 -11.67 -9.47 -6.63
N LEU C 164 -11.47 -8.59 -5.64
CA LEU C 164 -10.23 -7.87 -5.41
C LEU C 164 -9.67 -8.44 -4.12
N ASP C 165 -8.88 -9.49 -4.24
CA ASP C 165 -8.38 -10.20 -3.07
C ASP C 165 -7.13 -9.51 -2.54
N HIS C 166 -7.11 -9.26 -1.23
CA HIS C 166 -6.07 -8.52 -0.52
C HIS C 166 -6.03 -7.03 -0.89
N ALA C 167 -5.93 -6.74 -2.18
CA ALA C 167 -6.31 -5.44 -2.73
C ALA C 167 -5.30 -4.31 -2.56
N THR C 168 -4.35 -4.45 -1.66
CA THR C 168 -3.47 -3.33 -1.40
C THR C 168 -2.61 -3.01 -2.63
N GLY C 169 -2.60 -1.74 -3.02
CA GLY C 169 -1.84 -1.32 -4.19
C GLY C 169 -2.55 -1.43 -5.54
N ILE C 170 -3.83 -1.80 -5.58
CA ILE C 170 -4.57 -1.80 -6.83
C ILE C 170 -4.80 -0.37 -7.38
N VAL C 171 -4.53 -0.20 -8.67
CA VAL C 171 -4.80 1.04 -9.41
C VAL C 171 -5.63 0.71 -10.67
N VAL C 172 -6.78 1.37 -10.79
CA VAL C 172 -7.61 1.30 -11.99
C VAL C 172 -7.90 2.71 -12.47
N GLY C 173 -7.45 3.00 -13.68
CA GLY C 173 -7.53 4.35 -14.23
C GLY C 173 -8.83 4.69 -14.90
N GLU C 174 -8.89 5.95 -15.35
CA GLU C 174 -10.12 6.61 -15.80
C GLU C 174 -10.97 5.90 -16.86
N THR C 175 -10.29 5.40 -17.88
CA THR C 175 -10.94 4.82 -19.07
C THR C 175 -10.88 3.29 -19.06
N ALA C 176 -10.59 2.68 -17.89
CA ALA C 176 -10.48 1.23 -17.79
C ALA C 176 -11.87 0.59 -17.88
N VAL C 177 -11.95 -0.64 -18.39
CA VAL C 177 -13.19 -1.41 -18.35
C VAL C 177 -12.84 -2.74 -17.68
N ILE C 178 -13.68 -3.19 -16.74
CA ILE C 178 -13.55 -4.51 -16.12
C ILE C 178 -14.93 -5.15 -16.24
N GLU C 179 -15.04 -6.20 -17.06
CA GLU C 179 -16.33 -6.88 -17.25
C GLU C 179 -16.67 -7.80 -16.07
N ASP C 180 -17.78 -8.54 -16.15
CA ASP C 180 -18.20 -9.40 -15.06
C ASP C 180 -17.22 -10.54 -14.81
N ASP C 181 -17.22 -11.06 -13.58
CA ASP C 181 -16.49 -12.30 -13.20
C ASP C 181 -15.01 -12.24 -13.49
N VAL C 182 -14.38 -11.22 -12.95
CA VAL C 182 -12.95 -11.02 -13.07
C VAL C 182 -12.38 -11.13 -11.66
N SER C 183 -11.20 -11.73 -11.56
CA SER C 183 -10.49 -11.81 -10.30
C SER C 183 -9.17 -11.08 -10.41
N ILE C 184 -8.93 -10.20 -9.44
CA ILE C 184 -7.75 -9.36 -9.41
C ILE C 184 -7.09 -9.46 -8.06
N LEU C 185 -5.77 -9.65 -8.04
CA LEU C 185 -5.01 -9.68 -6.79
C LEU C 185 -4.33 -8.33 -6.45
N GLN C 186 -3.69 -8.31 -5.28
CA GLN C 186 -2.95 -7.14 -4.80
C GLN C 186 -1.96 -6.62 -5.82
N SER C 187 -1.76 -5.30 -5.79
CA SER C 187 -0.69 -4.63 -6.49
C SER C 187 -0.83 -4.69 -8.02
N VAL C 188 -2.05 -4.88 -8.50
CA VAL C 188 -2.33 -4.88 -9.92
C VAL C 188 -2.66 -3.45 -10.35
N THR C 189 -2.05 -3.04 -11.46
CA THR C 189 -2.32 -1.76 -12.11
C THR C 189 -3.00 -2.00 -13.47
N LEU C 190 -4.16 -1.37 -13.67
CA LEU C 190 -4.77 -1.20 -14.98
C LEU C 190 -4.59 0.25 -15.33
N GLY C 191 -3.44 0.54 -15.92
CA GLY C 191 -2.88 1.88 -15.94
C GLY C 191 -2.79 2.50 -17.32
N GLY C 192 -2.50 3.79 -17.31
CA GLY C 192 -2.46 4.62 -18.52
C GLY C 192 -1.09 4.77 -19.17
N THR C 193 -1.11 5.36 -20.35
CA THR C 193 0.07 5.87 -21.05
C THR C 193 -0.17 7.30 -21.44
N GLY C 194 0.91 8.05 -21.63
CA GLY C 194 0.86 9.39 -22.19
C GLY C 194 0.36 10.47 -21.24
N LYS C 195 0.47 11.72 -21.70
CA LYS C 195 0.07 12.89 -20.92
C LYS C 195 -1.24 13.51 -21.38
N THR C 196 -1.90 12.85 -22.33
CA THR C 196 -3.12 13.37 -22.93
C THR C 196 -4.33 12.57 -22.49
N SER C 197 -5.48 13.24 -22.38
CA SER C 197 -6.77 12.59 -22.20
C SER C 197 -7.11 11.67 -23.36
N GLY C 198 -8.22 10.97 -23.19
CA GLY C 198 -8.65 9.98 -24.14
C GLY C 198 -8.45 8.58 -23.61
N ASP C 199 -9.03 7.65 -24.36
CA ASP C 199 -8.95 6.24 -24.07
C ASP C 199 -7.50 5.77 -24.05
N ARG C 200 -7.05 5.30 -22.89
CA ARG C 200 -5.65 4.93 -22.68
C ARG C 200 -5.44 3.85 -21.60
N HIS C 201 -6.52 3.18 -21.15
CA HIS C 201 -6.45 2.19 -20.08
C HIS C 201 -6.99 0.85 -20.55
N PRO C 202 -6.62 -0.24 -19.85
CA PRO C 202 -7.00 -1.57 -20.36
C PRO C 202 -8.50 -1.87 -20.35
N LYS C 203 -8.88 -2.76 -21.28
CA LYS C 203 -10.21 -3.38 -21.36
C LYS C 203 -10.10 -4.83 -20.92
N ILE C 204 -10.60 -5.14 -19.73
CA ILE C 204 -10.46 -6.48 -19.18
C ILE C 204 -11.80 -7.19 -19.31
N ARG C 205 -11.84 -8.22 -20.15
CA ARG C 205 -13.10 -8.85 -20.53
C ARG C 205 -13.44 -10.00 -19.59
N GLU C 206 -14.63 -10.55 -19.78
CA GLU C 206 -15.25 -11.50 -18.84
C GLU C 206 -14.36 -12.70 -18.56
N GLY C 207 -14.30 -13.11 -17.31
CA GLY C 207 -13.60 -14.32 -16.92
C GLY C 207 -12.10 -14.23 -16.66
N VAL C 208 -11.51 -13.05 -16.85
CA VAL C 208 -10.06 -12.90 -16.72
C VAL C 208 -9.60 -13.04 -15.26
N MET C 209 -8.44 -13.64 -15.07
CA MET C 209 -7.79 -13.69 -13.78
C MET C 209 -6.49 -12.92 -13.91
N ILE C 210 -6.25 -11.98 -12.99
CA ILE C 210 -5.00 -11.21 -12.99
C ILE C 210 -4.24 -11.44 -11.70
N GLY C 211 -3.04 -11.99 -11.84
CA GLY C 211 -2.23 -12.38 -10.70
C GLY C 211 -1.55 -11.19 -10.04
N ALA C 212 -1.05 -11.40 -8.83
CA ALA C 212 -0.42 -10.36 -8.02
C ALA C 212 0.67 -9.60 -8.73
N GLY C 213 0.55 -8.28 -8.70
CA GLY C 213 1.64 -7.42 -9.14
C GLY C 213 1.68 -7.18 -10.63
N ALA C 214 0.66 -7.66 -11.36
CA ALA C 214 0.68 -7.50 -12.81
C ALA C 214 0.43 -6.03 -13.15
N LYS C 215 1.16 -5.52 -14.15
CA LYS C 215 0.95 -4.17 -14.62
C LYS C 215 0.46 -4.23 -16.07
N ILE C 216 -0.76 -3.75 -16.30
CA ILE C 216 -1.37 -3.74 -17.63
C ILE C 216 -1.59 -2.30 -18.05
N LEU C 217 -0.94 -1.91 -19.15
CA LEU C 217 -0.78 -0.51 -19.52
C LEU C 217 -1.25 -0.21 -20.95
N GLY C 218 -2.03 0.87 -21.08
CA GLY C 218 -2.49 1.35 -22.36
C GLY C 218 -3.90 0.88 -22.64
N ASN C 219 -4.47 1.48 -23.68
CA ASN C 219 -5.74 1.05 -24.24
C ASN C 219 -5.62 -0.26 -25.05
N ILE C 220 -5.47 -1.36 -24.32
CA ILE C 220 -5.30 -2.67 -24.93
C ILE C 220 -6.36 -3.62 -24.39
N GLU C 221 -6.72 -4.58 -25.23
CA GLU C 221 -7.67 -5.65 -24.88
C GLU C 221 -6.98 -6.80 -24.12
N VAL C 222 -7.63 -7.26 -23.05
CA VAL C 222 -7.31 -8.54 -22.43
C VAL C 222 -8.57 -9.39 -22.56
N GLY C 223 -8.52 -10.34 -23.49
CA GLY C 223 -9.70 -10.99 -24.04
C GLY C 223 -10.38 -11.92 -23.06
N ARG C 224 -11.61 -12.29 -23.42
CA ARG C 224 -12.47 -13.20 -22.67
C ARG C 224 -11.70 -14.43 -22.16
N GLY C 225 -11.79 -14.68 -20.86
CA GLY C 225 -11.18 -15.86 -20.27
C GLY C 225 -9.67 -15.97 -20.31
N ALA C 226 -8.96 -14.88 -20.57
CA ALA C 226 -7.49 -14.88 -20.46
C ALA C 226 -7.02 -14.88 -19.02
N LYS C 227 -5.74 -15.21 -18.87
CA LYS C 227 -5.08 -15.26 -17.57
C LYS C 227 -3.79 -14.48 -17.71
N ILE C 228 -3.53 -13.60 -16.75
CA ILE C 228 -2.30 -12.78 -16.72
C ILE C 228 -1.49 -13.24 -15.52
N GLY C 229 -0.28 -13.71 -15.76
CA GLY C 229 0.56 -14.19 -14.69
C GLY C 229 0.95 -13.08 -13.72
N ALA C 230 1.13 -13.47 -12.46
CA ALA C 230 1.66 -12.57 -11.46
C ALA C 230 2.96 -11.93 -11.93
N GLY C 231 3.16 -10.65 -11.62
CA GLY C 231 4.42 -9.93 -11.93
C GLY C 231 4.63 -9.59 -13.41
N SER C 232 3.58 -9.70 -14.20
CA SER C 232 3.70 -9.52 -15.65
C SER C 232 3.48 -8.05 -16.06
N VAL C 233 4.15 -7.62 -17.14
CA VAL C 233 3.97 -6.29 -17.67
C VAL C 233 3.44 -6.40 -19.10
N VAL C 234 2.16 -6.11 -19.22
CA VAL C 234 1.40 -6.33 -20.43
C VAL C 234 1.28 -5.00 -21.15
N LEU C 235 1.99 -4.87 -22.26
CA LEU C 235 1.93 -3.69 -23.13
C LEU C 235 1.22 -3.90 -24.46
N GLN C 236 0.86 -5.14 -24.79
CA GLN C 236 0.14 -5.47 -26.02
C GLN C 236 -1.09 -6.27 -25.73
N PRO C 237 -2.06 -6.26 -26.65
CA PRO C 237 -3.27 -7.05 -26.42
C PRO C 237 -3.01 -8.55 -26.21
N VAL C 238 -3.91 -9.17 -25.44
CA VAL C 238 -3.80 -10.57 -25.06
C VAL C 238 -5.07 -11.20 -25.58
N PRO C 239 -4.96 -12.17 -26.52
CA PRO C 239 -6.16 -12.78 -27.10
C PRO C 239 -7.01 -13.48 -26.07
N PRO C 240 -8.29 -13.72 -26.39
CA PRO C 240 -9.14 -14.54 -25.50
C PRO C 240 -8.55 -15.94 -25.25
N HIS C 241 -8.83 -16.48 -24.07
CA HIS C 241 -8.44 -17.88 -23.71
C HIS C 241 -6.95 -18.17 -23.89
N THR C 242 -6.16 -17.25 -23.40
CA THR C 242 -4.72 -17.29 -23.57
C THR C 242 -4.06 -16.87 -22.25
N THR C 243 -2.84 -17.33 -22.03
CA THR C 243 -2.08 -16.98 -20.85
C THR C 243 -0.88 -16.15 -21.25
N ALA C 244 -0.75 -14.98 -20.62
CA ALA C 244 0.36 -14.08 -20.88
C ALA C 244 1.19 -13.91 -19.62
N ALA C 245 2.51 -13.83 -19.78
CA ALA C 245 3.42 -13.74 -18.66
C ALA C 245 4.78 -13.21 -19.06
N GLY C 246 5.51 -12.69 -18.09
CA GLY C 246 6.84 -12.12 -18.29
C GLY C 246 6.85 -10.59 -18.23
N VAL C 247 8.06 -10.04 -18.32
CA VAL C 247 8.32 -8.63 -18.37
C VAL C 247 9.22 -8.36 -19.58
N PRO C 248 8.70 -7.82 -20.69
CA PRO C 248 7.28 -7.64 -20.98
C PRO C 248 6.60 -8.98 -21.23
N ALA C 249 5.27 -8.98 -21.24
CA ALA C 249 4.50 -10.22 -21.33
C ALA C 249 4.44 -10.77 -22.76
N ARG C 250 4.58 -12.09 -22.91
CA ARG C 250 4.23 -12.80 -24.15
C ARG C 250 3.24 -13.92 -23.85
N ILE C 251 2.65 -14.46 -24.92
CA ILE C 251 1.76 -15.62 -24.84
C ILE C 251 2.63 -16.83 -24.48
N VAL C 252 2.31 -17.49 -23.39
CA VAL C 252 3.09 -18.64 -22.94
C VAL C 252 2.31 -19.95 -22.94
N GLY C 253 0.99 -19.88 -23.13
CA GLY C 253 0.13 -21.06 -22.93
C GLY C 253 -1.34 -20.72 -22.99
N LYS C 254 -2.16 -21.65 -22.50
CA LYS C 254 -3.60 -21.48 -22.49
C LYS C 254 -4.13 -21.85 -21.12
N PRO C 255 -5.08 -21.08 -20.58
CA PRO C 255 -5.61 -21.44 -19.28
C PRO C 255 -6.27 -22.84 -19.24
N GLY C 256 -6.30 -23.43 -18.04
CA GLY C 256 -6.87 -24.75 -17.80
C GLY C 256 -8.38 -24.81 -17.82
N SER C 257 -9.05 -23.66 -17.66
CA SER C 257 -10.50 -23.62 -17.78
C SER C 257 -11.01 -22.45 -18.63
N ASP C 258 -12.31 -22.46 -18.84
CA ASP C 258 -13.04 -21.48 -19.62
C ASP C 258 -12.94 -20.06 -19.02
N LYS C 259 -13.04 -19.99 -17.69
CA LYS C 259 -13.05 -18.74 -16.91
C LYS C 259 -12.05 -18.83 -15.76
N PRO C 260 -10.77 -18.55 -16.02
CA PRO C 260 -9.74 -18.61 -14.98
C PRO C 260 -10.04 -17.78 -13.71
N SER C 261 -10.83 -16.72 -13.83
CA SER C 261 -11.33 -16.04 -12.65
C SER C 261 -11.95 -16.98 -11.63
N MET C 262 -12.65 -18.04 -12.08
CA MET C 262 -13.34 -18.98 -11.16
C MET C 262 -12.41 -19.96 -10.44
N ASP C 263 -11.28 -20.32 -11.04
CA ASP C 263 -10.41 -21.37 -10.49
C ASP C 263 -9.16 -20.86 -9.78
N MET C 264 -8.69 -19.66 -10.12
CA MET C 264 -7.60 -19.00 -9.43
C MET C 264 -6.30 -19.79 -9.43
N ASP C 265 -6.08 -20.55 -10.49
CA ASP C 265 -4.83 -21.26 -10.69
C ASP C 265 -3.75 -20.26 -11.17
N GLN C 266 -2.80 -19.98 -10.28
CA GLN C 266 -1.68 -19.08 -10.50
C GLN C 266 -0.55 -19.64 -11.36
N HIS C 267 -0.54 -20.94 -11.69
CA HIS C 267 0.54 -21.47 -12.54
C HIS C 267 0.57 -20.86 -13.94
N PHE C 268 1.79 -20.59 -14.45
CA PHE C 268 2.00 -20.32 -15.87
C PHE C 268 3.35 -20.88 -16.34
N ASN C 269 3.56 -20.95 -17.66
CA ASN C 269 4.88 -21.28 -18.26
C ASN C 269 5.74 -20.02 -18.45
N SER D . -2.75 8.73 -14.03
CA SER D . -2.38 8.02 -15.27
C SER D . -3.49 8.25 -16.32
O SER D . -3.27 7.95 -17.51
CB SER D . -2.11 6.49 -15.01
OG SER D . -3.29 5.69 -14.63
OXT SER D . -4.61 8.73 -16.04
N SER E . 16.32 -0.19 4.44
CA SER E . 17.22 -0.43 3.34
C SER E . 18.39 0.57 3.42
O SER E . 19.41 0.39 2.74
CB SER E . 16.49 -0.39 1.96
OG SER E . 16.01 0.91 1.47
OXT SER E . 18.36 1.56 4.20
N SER F . -6.56 -15.69 -0.79
CA SER F . -5.72 -16.64 -1.55
C SER F . -5.59 -17.96 -0.75
O SER F . -5.03 -18.92 -1.25
CB SER F . -4.31 -16.05 -1.88
OG SER F . -3.41 -15.89 -0.74
OXT SER F . -6.03 -18.08 0.41
P PO4 G . 4.86 -4.69 -7.26
O1 PO4 G . 6.02 -4.33 -6.35
O2 PO4 G . 3.87 -5.43 -6.36
O3 PO4 G . 5.39 -5.55 -8.39
O4 PO4 G . 4.20 -3.47 -7.88
#